data_6OIA
#
_entry.id   6OIA
#
_cell.length_a   115.824
_cell.length_b   115.824
_cell.length_c   187.644
_cell.angle_alpha   90.000
_cell.angle_beta   90.000
_cell.angle_gamma   120.000
#
_symmetry.space_group_name_H-M   'P 32 2 1'
#
loop_
_entity.id
_entity.type
_entity.pdbx_description
1 polymer 'Ornithine aminotransferase, mitochondrial'
2 non-polymer "PYRIDOXAL-5'-PHOSPHATE"
3 non-polymer GLYCEROL
4 non-polymer '(1S)-3-amino-4-[(2S)-1,1,1-trifluoro-3-oxopropan-2-yl]cyclopent-3-ene-1-carboxylic acid'
5 water water
#
_entity_poly.entity_id   1
_entity_poly.type   'polypeptide(L)'
_entity_poly.pdbx_seq_one_letter_code
;GPPTSDDIFEREYKYGAHNYHPLPVALERGKGIYLWDVEGRKYFDFLSSYSAVNQGHCHPKIVNALKSQVDKLTLTSRAF
YNNVLGEYEEYITKLFNYHKVLPMNTGVEAGETACKLARKWGYTVKGIQKYKAKIVFAAGNFWGRTLSAISSSTDPTSYD
GFGPFMPGFDIIPYNDLPALERALQDPNVAAFMVEPIQGEAGVVVPDPGYLMGVRELCTRHQVLFIADEIQTGLARTGRW
LAVDYENVRPDIVLLGKALSGGLYPVSAVLCDDDIMLTIKPGEHGSTYGGNPLGCRVAIAALEVLEEENLAENADKLGII
LRNELMKLPSDVVTAVRGKGLLNAIVIKETKDWDAWKVCLRLRDNGLLAKPTHGDIIRFAPPLVIKEDELRESIEIINKT
ILSF
;
_entity_poly.pdbx_strand_id   A,B,C
#
loop_
_chem_comp.id
_chem_comp.type
_chem_comp.name
_chem_comp.formula
GOL non-polymer GLYCEROL 'C3 H8 O3'
MQ4 non-polymer '(1S)-3-amino-4-[(2S)-1,1,1-trifluoro-3-oxopropan-2-yl]cyclopent-3-ene-1-carboxylic acid' 'C9 H10 F3 N O3'
PLP non-polymer PYRIDOXAL-5'-PHOSPHATE 'C8 H10 N O6 P'
#
# COMPACT_ATOMS: atom_id res chain seq x y z
N GLY A 1 13.89 -43.80 -18.01
CA GLY A 1 15.04 -42.97 -17.70
C GLY A 1 14.69 -41.54 -17.36
N PRO A 2 15.71 -40.70 -17.14
CA PRO A 2 15.48 -39.28 -16.83
C PRO A 2 15.11 -38.51 -18.08
N PRO A 3 14.65 -37.26 -17.95
CA PRO A 3 14.32 -36.47 -19.14
C PRO A 3 15.55 -36.09 -19.94
N THR A 4 15.39 -36.00 -21.25
CA THR A 4 16.42 -35.49 -22.13
C THR A 4 16.40 -33.96 -22.13
N SER A 5 17.27 -33.36 -22.94
CA SER A 5 17.26 -31.90 -23.07
C SER A 5 15.99 -31.42 -23.76
N ASP A 6 15.55 -32.11 -24.81
CA ASP A 6 14.31 -31.74 -25.49
C ASP A 6 13.09 -31.97 -24.60
N ASP A 7 13.12 -33.02 -23.75
CA ASP A 7 12.07 -33.18 -22.75
C ASP A 7 12.01 -31.97 -21.84
N ILE A 8 13.17 -31.51 -21.37
CA ILE A 8 13.22 -30.37 -20.45
C ILE A 8 12.70 -29.11 -21.13
N PHE A 9 13.12 -28.87 -22.39
CA PHE A 9 12.65 -27.69 -23.13
C PHE A 9 11.14 -27.66 -23.26
N GLU A 10 10.55 -28.79 -23.67
CA GLU A 10 9.13 -28.81 -23.98
C GLU A 10 8.25 -28.78 -22.73
N ARG A 11 8.70 -29.40 -21.63
CA ARG A 11 7.96 -29.29 -20.39
C ARG A 11 7.86 -27.83 -19.94
N GLU A 12 8.97 -27.10 -19.97
CA GLU A 12 8.93 -25.68 -19.62
C GLU A 12 8.06 -24.88 -20.59
N TYR A 13 8.13 -25.20 -21.88
CA TYR A 13 7.29 -24.51 -22.85
C TYR A 13 5.81 -24.70 -22.54
N LYS A 14 5.43 -25.87 -22.02
CA LYS A 14 4.01 -26.14 -21.78
C LYS A 14 3.51 -25.49 -20.50
N TYR A 15 4.30 -25.54 -19.43
CA TYR A 15 3.83 -25.17 -18.10
C TYR A 15 4.40 -23.87 -17.57
N GLY A 16 5.40 -23.29 -18.22
CA GLY A 16 6.04 -22.07 -17.74
C GLY A 16 5.74 -20.89 -18.65
N ALA A 17 5.70 -19.69 -18.05
CA ALA A 17 5.59 -18.47 -18.84
C ALA A 17 6.71 -18.42 -19.87
N HIS A 18 6.46 -17.72 -20.98
CA HIS A 18 7.44 -17.60 -22.06
C HIS A 18 8.20 -16.29 -21.98
N ASN A 19 8.65 -15.90 -20.78
CA ASN A 19 9.31 -14.61 -20.61
C ASN A 19 10.81 -14.66 -20.90
N TYR A 20 11.33 -15.85 -21.21
CA TYR A 20 12.74 -16.02 -21.57
C TYR A 20 12.89 -16.83 -22.85
N HIS A 21 14.02 -16.61 -23.53
CA HIS A 21 14.42 -17.38 -24.72
C HIS A 21 15.85 -17.88 -24.44
N PRO A 22 15.99 -18.90 -23.61
CA PRO A 22 17.33 -19.31 -23.17
C PRO A 22 18.12 -19.98 -24.28
N LEU A 23 19.43 -20.03 -24.09
CA LEU A 23 20.27 -20.84 -24.96
C LEU A 23 19.92 -22.31 -24.75
N PRO A 24 19.73 -23.10 -25.81
CA PRO A 24 19.27 -24.48 -25.64
C PRO A 24 20.28 -25.39 -24.96
N VAL A 25 20.41 -25.30 -23.63
CA VAL A 25 21.22 -26.21 -22.84
C VAL A 25 20.47 -26.50 -21.55
N ALA A 26 20.31 -27.79 -21.23
CA ALA A 26 19.60 -28.23 -20.03
C ALA A 26 20.63 -28.68 -18.99
N LEU A 27 20.94 -27.81 -18.04
CA LEU A 27 22.02 -28.04 -17.09
C LEU A 27 21.50 -28.70 -15.82
N GLU A 28 22.31 -29.61 -15.28
CA GLU A 28 21.93 -30.42 -14.14
C GLU A 28 22.92 -30.34 -12.98
N ARG A 29 24.17 -29.96 -13.21
CA ARG A 29 25.16 -29.92 -12.16
CA ARG A 29 25.20 -29.96 -12.18
C ARG A 29 26.14 -28.79 -12.43
N GLY A 30 26.61 -28.17 -11.35
CA GLY A 30 27.62 -27.14 -11.43
C GLY A 30 28.64 -27.27 -10.32
N LYS A 31 29.92 -27.05 -10.61
CA LYS A 31 30.94 -27.05 -9.57
C LYS A 31 32.09 -26.17 -10.02
N GLY A 32 32.39 -25.14 -9.24
CA GLY A 32 33.49 -24.25 -9.59
C GLY A 32 33.20 -23.56 -10.91
N ILE A 33 34.11 -23.71 -11.88
CA ILE A 33 33.95 -23.05 -13.17
C ILE A 33 33.17 -23.87 -14.17
N TYR A 34 32.74 -25.09 -13.81
CA TYR A 34 32.17 -26.04 -14.76
C TYR A 34 30.68 -26.26 -14.56
N LEU A 35 29.98 -26.47 -15.67
CA LEU A 35 28.58 -26.87 -15.71
C LEU A 35 28.47 -28.17 -16.49
N TRP A 36 27.53 -29.03 -16.09
CA TRP A 36 27.23 -30.26 -16.80
C TRP A 36 25.76 -30.30 -17.19
N ASP A 37 25.49 -30.72 -18.43
CA ASP A 37 24.11 -30.86 -18.84
C ASP A 37 23.63 -32.29 -18.56
N VAL A 38 22.35 -32.54 -18.83
CA VAL A 38 21.76 -33.82 -18.45
C VAL A 38 22.34 -34.99 -19.25
N GLU A 39 22.90 -34.72 -20.43
CA GLU A 39 23.59 -35.76 -21.19
C GLU A 39 24.99 -36.04 -20.65
N GLY A 40 25.44 -35.30 -19.63
CA GLY A 40 26.74 -35.51 -19.04
C GLY A 40 27.88 -34.70 -19.63
N ARG A 41 27.59 -33.82 -20.59
CA ARG A 41 28.63 -33.02 -21.21
C ARG A 41 29.06 -31.88 -20.29
N LYS A 42 30.34 -31.54 -20.35
CA LYS A 42 30.96 -30.56 -19.47
C LYS A 42 31.20 -29.26 -20.23
N TYR A 43 30.99 -28.13 -19.55
CA TYR A 43 31.15 -26.81 -20.15
C TYR A 43 31.89 -25.88 -19.22
N PHE A 44 32.75 -25.05 -19.81
CA PHE A 44 33.21 -23.84 -19.13
C PHE A 44 32.04 -22.87 -19.02
N ASP A 45 31.80 -22.37 -17.81
CA ASP A 45 30.77 -21.34 -17.60
C ASP A 45 31.42 -19.98 -17.76
N PHE A 46 31.13 -19.30 -18.88
CA PHE A 46 31.62 -17.95 -19.09
C PHE A 46 30.51 -16.92 -18.96
N LEU A 47 29.43 -17.27 -18.26
CA LEU A 47 28.41 -16.30 -17.86
C LEU A 47 28.35 -16.07 -16.35
N SER A 48 28.70 -17.08 -15.55
CA SER A 48 28.69 -16.97 -14.08
C SER A 48 27.32 -16.60 -13.53
N SER A 49 26.25 -17.02 -14.19
CA SER A 49 24.88 -16.66 -13.80
C SER A 49 24.73 -15.15 -13.66
N TYR A 50 25.22 -14.43 -14.68
CA TYR A 50 25.27 -12.97 -14.69
C TYR A 50 26.05 -12.40 -13.51
N SER A 51 27.15 -13.06 -13.16
CA SER A 51 28.06 -12.68 -12.07
C SER A 51 27.49 -12.96 -10.69
N ALA A 52 26.51 -13.86 -10.59
CA ALA A 52 26.07 -14.32 -9.29
C ALA A 52 26.96 -15.41 -8.69
N VAL A 53 27.71 -16.16 -9.52
CA VAL A 53 28.55 -17.21 -8.95
C VAL A 53 30.02 -16.84 -9.15
N ASN A 54 30.39 -15.61 -8.76
CA ASN A 54 31.78 -15.18 -8.76
C ASN A 54 32.67 -16.20 -8.06
N GLN A 55 32.17 -16.81 -7.00
CA GLN A 55 32.86 -17.82 -6.21
C GLN A 55 32.86 -19.20 -6.87
N GLY A 56 32.32 -19.32 -8.08
CA GLY A 56 32.12 -20.62 -8.69
C GLY A 56 30.86 -21.30 -8.15
N HIS A 57 30.38 -22.28 -8.91
CA HIS A 57 29.16 -22.96 -8.50
C HIS A 57 29.38 -23.80 -7.25
N CYS A 58 28.43 -23.70 -6.33
CA CYS A 58 28.37 -24.57 -5.17
C CYS A 58 29.69 -24.57 -4.39
N HIS A 59 30.16 -23.38 -4.04
CA HIS A 59 31.43 -23.31 -3.33
C HIS A 59 31.31 -24.01 -1.98
N PRO A 60 32.24 -24.92 -1.64
CA PRO A 60 32.04 -25.73 -0.43
C PRO A 60 31.86 -24.93 0.85
N LYS A 61 32.57 -23.81 1.01
CA LYS A 61 32.41 -23.03 2.24
C LYS A 61 31.01 -22.45 2.34
N ILE A 62 30.46 -21.98 1.22
CA ILE A 62 29.13 -21.39 1.24
C ILE A 62 28.06 -22.47 1.42
N VAL A 63 28.25 -23.62 0.76
CA VAL A 63 27.33 -24.73 0.92
C VAL A 63 27.27 -25.17 2.38
N ASN A 64 28.43 -25.30 3.02
CA ASN A 64 28.44 -25.73 4.42
C ASN A 64 27.81 -24.69 5.33
N ALA A 65 27.96 -23.41 5.00
CA ALA A 65 27.28 -22.38 5.77
C ALA A 65 25.77 -22.55 5.67
N LEU A 66 25.27 -22.89 4.48
CA LEU A 66 23.83 -23.07 4.31
C LEU A 66 23.33 -24.32 5.04
N LYS A 67 24.07 -25.43 4.93
CA LYS A 67 23.66 -26.67 5.58
C LYS A 67 23.73 -26.56 7.10
N SER A 68 24.72 -25.83 7.63
CA SER A 68 24.79 -25.67 9.08
C SER A 68 23.59 -24.90 9.63
N GLN A 69 23.20 -23.81 8.95
CA GLN A 69 22.16 -22.94 9.50
C GLN A 69 20.76 -23.49 9.25
N VAL A 70 20.56 -24.23 8.16
CA VAL A 70 19.21 -24.66 7.80
C VAL A 70 18.61 -25.58 8.85
N ASP A 71 19.44 -26.26 9.64
CA ASP A 71 18.94 -27.14 10.68
C ASP A 71 18.64 -26.40 11.98
N LYS A 72 19.06 -25.14 12.10
CA LYS A 72 18.84 -24.34 13.30
C LYS A 72 17.65 -23.42 13.18
N LEU A 73 17.66 -22.54 12.17
CA LEU A 73 16.66 -21.48 12.05
C LEU A 73 16.79 -20.83 10.67
N THR A 74 15.68 -20.66 9.93
CA THR A 74 15.80 -20.07 8.60
C THR A 74 15.01 -18.78 8.43
N LEU A 75 13.94 -18.56 9.19
CA LEU A 75 13.11 -17.37 8.99
C LEU A 75 12.35 -17.08 10.26
N THR A 76 12.65 -15.95 10.91
CA THR A 76 11.83 -15.46 12.00
C THR A 76 10.87 -14.36 11.57
N SER A 77 11.11 -13.75 10.41
CA SER A 77 10.62 -12.44 10.04
C SER A 77 11.27 -11.38 10.93
N ARG A 78 11.16 -10.13 10.51
CA ARG A 78 11.75 -9.02 11.23
C ARG A 78 10.86 -8.56 12.38
N ALA A 79 9.73 -9.23 12.60
CA ALA A 79 8.93 -9.01 13.78
C ALA A 79 9.71 -9.34 15.05
N PHE A 80 10.71 -10.20 14.95
CA PHE A 80 11.54 -10.59 16.08
C PHE A 80 12.99 -10.43 15.67
N TYR A 81 13.90 -10.48 16.65
CA TYR A 81 15.31 -10.56 16.32
C TYR A 81 15.72 -12.00 16.18
N ASN A 82 16.68 -12.23 15.30
CA ASN A 82 17.44 -13.47 15.28
C ASN A 82 18.89 -13.13 15.56
N ASN A 83 19.68 -14.16 15.86
CA ASN A 83 21.05 -13.98 16.33
C ASN A 83 22.04 -13.77 15.20
N VAL A 84 21.65 -13.99 13.95
CA VAL A 84 22.61 -13.96 12.85
C VAL A 84 22.69 -12.57 12.21
N LEU A 85 21.55 -11.89 12.09
CA LEU A 85 21.48 -10.70 11.24
C LEU A 85 22.51 -9.66 11.63
N GLY A 86 22.62 -9.36 12.93
CA GLY A 86 23.52 -8.31 13.36
C GLY A 86 24.98 -8.66 13.17
N GLU A 87 25.31 -9.96 13.18
CA GLU A 87 26.67 -10.41 12.87
C GLU A 87 27.01 -10.10 11.42
N TYR A 88 26.09 -10.41 10.50
CA TYR A 88 26.28 -10.06 9.10
C TYR A 88 26.36 -8.55 8.92
N GLU A 89 25.47 -7.81 9.59
CA GLU A 89 25.46 -6.35 9.45
C GLU A 89 26.80 -5.73 9.87
N GLU A 90 27.30 -6.11 11.04
CA GLU A 90 28.60 -5.57 11.46
C GLU A 90 29.69 -5.96 10.47
N TYR A 91 29.64 -7.19 9.96
CA TYR A 91 30.67 -7.64 9.03
C TYR A 91 30.65 -6.85 7.73
N ILE A 92 29.48 -6.73 7.10
CA ILE A 92 29.47 -6.14 5.76
C ILE A 92 29.67 -4.63 5.85
N THR A 93 29.16 -3.97 6.90
CA THR A 93 29.35 -2.53 7.00
C THR A 93 30.81 -2.17 7.27
N LYS A 94 31.50 -2.96 8.10
CA LYS A 94 32.92 -2.67 8.31
C LYS A 94 33.73 -2.99 7.06
N LEU A 95 33.32 -4.00 6.29
CA LEU A 95 34.05 -4.37 5.08
C LEU A 95 34.01 -3.25 4.03
N PHE A 96 32.85 -2.64 3.80
CA PHE A 96 32.73 -1.59 2.79
C PHE A 96 32.81 -0.19 3.39
N ASN A 97 32.93 -0.08 4.72
CA ASN A 97 33.13 1.19 5.43
C ASN A 97 31.95 2.15 5.27
N TYR A 98 30.76 1.65 5.58
CA TYR A 98 29.57 2.48 5.73
C TYR A 98 29.00 2.24 7.12
N HIS A 99 28.19 3.18 7.60
CA HIS A 99 27.58 3.04 8.92
C HIS A 99 26.67 1.83 9.00
N LYS A 100 25.78 1.67 8.02
CA LYS A 100 24.66 0.75 8.17
C LYS A 100 24.34 0.03 6.87
N VAL A 101 23.61 -1.07 6.99
CA VAL A 101 23.12 -1.80 5.84
C VAL A 101 21.62 -2.06 6.02
N LEU A 102 20.88 -2.02 4.92
CA LEU A 102 19.48 -2.44 4.93
C LEU A 102 19.36 -3.69 4.09
N PRO A 103 19.00 -4.84 4.65
CA PRO A 103 19.01 -6.10 3.88
C PRO A 103 17.74 -6.29 3.06
N MET A 104 17.94 -6.73 1.82
N MET A 104 17.93 -6.73 1.82
CA MET A 104 16.84 -7.06 0.93
CA MET A 104 16.83 -7.08 0.93
C MET A 104 17.09 -8.45 0.36
C MET A 104 17.19 -8.38 0.23
N ASN A 105 16.33 -8.84 -0.68
CA ASN A 105 16.53 -10.15 -1.29
C ASN A 105 17.07 -10.07 -2.71
N THR A 106 16.44 -9.29 -3.59
CA THR A 106 16.82 -9.27 -4.98
C THR A 106 17.45 -7.93 -5.31
N GLY A 107 18.14 -7.88 -6.45
CA GLY A 107 18.77 -6.65 -6.86
C GLY A 107 17.78 -5.53 -7.06
N VAL A 108 16.65 -5.82 -7.72
CA VAL A 108 15.70 -4.74 -8.00
C VAL A 108 15.10 -4.22 -6.69
N GLU A 109 14.96 -5.07 -5.68
CA GLU A 109 14.52 -4.62 -4.37
C GLU A 109 15.53 -3.68 -3.75
N ALA A 110 16.82 -3.97 -3.92
CA ALA A 110 17.84 -3.02 -3.44
C ALA A 110 17.70 -1.66 -4.14
N GLY A 111 17.51 -1.68 -5.46
CA GLY A 111 17.35 -0.43 -6.19
C GLY A 111 16.10 0.34 -5.79
N GLU A 112 14.99 -0.37 -5.57
CA GLU A 112 13.78 0.31 -5.09
C GLU A 112 14.02 0.94 -3.72
N THR A 113 14.69 0.22 -2.83
CA THR A 113 15.05 0.74 -1.53
C THR A 113 15.88 2.02 -1.68
N ALA A 114 16.86 2.00 -2.58
CA ALA A 114 17.69 3.18 -2.77
C ALA A 114 16.88 4.36 -3.26
N CYS A 115 15.92 4.12 -4.15
CA CYS A 115 15.05 5.20 -4.62
C CYS A 115 14.20 5.75 -3.49
N LYS A 116 13.71 4.87 -2.62
CA LYS A 116 12.92 5.31 -1.48
C LYS A 116 13.76 6.12 -0.50
N LEU A 117 14.98 5.66 -0.19
CA LEU A 117 15.90 6.45 0.62
C LEU A 117 16.18 7.82 0.00
N ALA A 118 16.49 7.86 -1.30
CA ALA A 118 16.80 9.14 -1.94
C ALA A 118 15.63 10.11 -1.83
N ARG A 119 14.40 9.65 -2.07
CA ARG A 119 13.25 10.53 -1.97
C ARG A 119 13.03 11.00 -0.53
N LYS A 120 13.06 10.08 0.43
CA LYS A 120 12.81 10.45 1.82
C LYS A 120 13.86 11.42 2.32
N TRP A 121 15.12 11.17 1.97
CA TRP A 121 16.19 12.10 2.31
C TRP A 121 15.99 13.43 1.59
N GLY A 122 15.56 13.37 0.33
CA GLY A 122 15.29 14.59 -0.43
C GLY A 122 14.24 15.47 0.25
N TYR A 123 13.15 14.84 0.73
CA TYR A 123 12.09 15.61 1.39
C TYR A 123 12.48 16.00 2.81
N THR A 124 13.06 15.09 3.59
CA THR A 124 13.23 15.36 5.02
C THR A 124 14.55 16.05 5.36
N VAL A 125 15.59 15.92 4.54
CA VAL A 125 16.88 16.53 4.80
C VAL A 125 17.17 17.66 3.82
N LYS A 126 17.06 17.39 2.52
CA LYS A 126 17.33 18.43 1.54
C LYS A 126 16.23 19.50 1.50
N GLY A 127 15.00 19.17 1.90
CA GLY A 127 13.93 20.16 1.93
C GLY A 127 13.14 20.31 0.65
N ILE A 128 13.23 19.36 -0.27
CA ILE A 128 12.38 19.37 -1.46
C ILE A 128 10.93 19.30 -1.02
N GLN A 129 10.06 20.01 -1.74
CA GLN A 129 8.64 19.95 -1.43
C GLN A 129 8.06 18.62 -1.91
N LYS A 130 7.17 18.03 -1.12
CA LYS A 130 6.52 16.80 -1.54
C LYS A 130 5.45 17.11 -2.60
N TYR A 131 5.46 16.41 -3.73
CA TYR A 131 6.35 15.30 -4.07
C TYR A 131 7.10 15.61 -5.36
N LYS A 132 8.02 16.58 -5.28
CA LYS A 132 8.73 17.09 -6.44
C LYS A 132 10.12 16.48 -6.62
N ALA A 133 10.50 15.49 -5.82
CA ALA A 133 11.86 14.97 -5.90
C ALA A 133 12.09 14.20 -7.20
N LYS A 134 13.26 14.40 -7.79
CA LYS A 134 13.66 13.70 -9.00
C LYS A 134 14.87 12.82 -8.74
N ILE A 135 14.92 11.72 -9.47
CA ILE A 135 16.08 10.84 -9.51
C ILE A 135 16.54 10.79 -10.96
N VAL A 136 17.82 10.99 -11.18
CA VAL A 136 18.40 10.96 -12.52
C VAL A 136 19.07 9.60 -12.76
N PHE A 137 18.92 9.08 -13.97
CA PHE A 137 19.46 7.78 -14.38
C PHE A 137 20.21 7.96 -15.69
N ALA A 138 21.07 6.99 -16.03
CA ALA A 138 21.83 7.07 -17.27
C ALA A 138 21.20 6.17 -18.33
N ALA A 139 21.11 6.70 -19.56
CA ALA A 139 20.64 5.88 -20.67
C ALA A 139 21.45 4.59 -20.77
N GLY A 140 20.76 3.51 -21.09
CA GLY A 140 21.37 2.20 -21.10
C GLY A 140 21.33 1.47 -19.77
N ASN A 141 20.81 2.10 -18.72
CA ASN A 141 20.86 1.50 -17.40
C ASN A 141 19.98 0.26 -17.34
N PHE A 142 20.34 -0.65 -16.46
CA PHE A 142 19.45 -1.77 -16.13
C PHE A 142 19.53 -2.03 -14.64
N TRP A 143 18.39 -2.06 -13.98
CA TRP A 143 18.38 -2.45 -12.57
C TRP A 143 17.16 -3.29 -12.19
N GLY A 144 16.51 -3.93 -13.14
CA GLY A 144 15.48 -4.87 -12.82
C GLY A 144 14.23 -4.62 -13.62
N ARG A 145 13.13 -5.27 -13.20
CA ARG A 145 11.95 -5.37 -14.03
C ARG A 145 10.67 -4.94 -13.33
N THR A 146 10.77 -4.35 -12.15
CA THR A 146 9.57 -3.75 -11.56
C THR A 146 9.08 -2.61 -12.44
N LEU A 147 7.87 -2.13 -12.14
CA LEU A 147 7.33 -0.99 -12.87
C LEU A 147 8.22 0.23 -12.69
N SER A 148 8.78 0.43 -11.51
CA SER A 148 9.69 1.56 -11.31
C SER A 148 10.95 1.40 -12.14
N ALA A 149 11.56 0.21 -12.12
CA ALA A 149 12.81 0.00 -12.84
C ALA A 149 12.63 0.18 -14.34
N ILE A 150 11.54 -0.33 -14.90
CA ILE A 150 11.37 -0.15 -16.34
C ILE A 150 11.02 1.28 -16.68
N SER A 151 10.56 2.07 -15.70
CA SER A 151 10.25 3.48 -15.94
C SER A 151 11.50 4.35 -16.10
N SER A 152 12.68 3.83 -15.78
CA SER A 152 13.92 4.55 -16.02
C SER A 152 14.70 3.98 -17.20
N SER A 153 14.16 2.98 -17.87
CA SER A 153 14.87 2.28 -18.94
C SER A 153 14.71 3.02 -20.27
N THR A 154 15.73 2.90 -21.12
CA THR A 154 15.60 3.39 -22.48
C THR A 154 15.48 2.24 -23.49
N ASP A 155 15.20 1.03 -23.01
CA ASP A 155 15.03 -0.14 -23.87
C ASP A 155 13.55 -0.44 -24.07
N PRO A 156 12.99 -0.29 -25.28
CA PRO A 156 11.54 -0.49 -25.46
C PRO A 156 11.05 -1.87 -25.07
N THR A 157 11.88 -2.91 -25.20
CA THR A 157 11.46 -4.25 -24.80
C THR A 157 11.11 -4.31 -23.32
N SER A 158 11.77 -3.48 -22.51
CA SER A 158 11.50 -3.47 -21.07
C SER A 158 10.19 -2.77 -20.74
N TYR A 159 9.89 -1.66 -21.42
CA TYR A 159 8.78 -0.81 -20.99
C TYR A 159 7.55 -0.84 -21.88
N ASP A 160 7.67 -1.23 -23.15
CA ASP A 160 6.52 -1.21 -24.06
C ASP A 160 5.37 -2.06 -23.52
N GLY A 161 4.16 -1.49 -23.54
CA GLY A 161 2.98 -2.19 -23.06
C GLY A 161 2.82 -2.26 -21.55
N PHE A 162 3.69 -1.61 -20.79
CA PHE A 162 3.67 -1.73 -19.33
C PHE A 162 3.38 -0.42 -18.63
N GLY A 163 3.07 0.66 -19.37
CA GLY A 163 2.80 1.94 -18.77
C GLY A 163 1.41 2.03 -18.19
N PRO A 164 1.10 3.17 -17.55
CA PRO A 164 1.88 4.41 -17.46
C PRO A 164 3.08 4.29 -16.50
N PHE A 165 4.01 5.22 -16.60
CA PHE A 165 5.31 5.05 -15.97
C PHE A 165 5.46 5.93 -14.74
N MET A 166 6.41 5.54 -13.88
CA MET A 166 6.67 6.25 -12.65
C MET A 166 7.17 7.68 -12.95
N PRO A 167 6.53 8.72 -12.40
CA PRO A 167 7.03 10.08 -12.58
C PRO A 167 8.29 10.31 -11.75
N GLY A 168 8.99 11.40 -12.07
CA GLY A 168 10.11 11.83 -11.27
C GLY A 168 11.42 11.16 -11.61
N PHE A 169 11.48 10.44 -12.73
CA PHE A 169 12.69 9.78 -13.17
C PHE A 169 13.14 10.48 -14.44
N ASP A 170 14.37 11.02 -14.42
CA ASP A 170 14.93 11.66 -15.61
C ASP A 170 16.11 10.85 -16.12
N ILE A 171 16.31 10.87 -17.45
CA ILE A 171 17.37 10.10 -18.09
C ILE A 171 18.34 11.06 -18.79
N ILE A 172 19.63 10.85 -18.58
CA ILE A 172 20.69 11.56 -19.29
C ILE A 172 21.62 10.55 -19.93
N PRO A 173 22.42 10.97 -20.90
CA PRO A 173 23.40 10.05 -21.48
C PRO A 173 24.41 9.57 -20.44
N TYR A 174 24.81 8.31 -20.57
CA TYR A 174 25.91 7.75 -19.80
C TYR A 174 27.22 8.41 -20.22
N ASN A 175 28.18 8.42 -19.30
CA ASN A 175 29.56 8.86 -19.61
C ASN A 175 29.55 10.29 -20.13
N ASP A 176 28.76 11.16 -19.48
CA ASP A 176 28.50 12.52 -19.97
C ASP A 176 28.40 13.45 -18.76
N LEU A 177 29.56 13.95 -18.31
CA LEU A 177 29.59 14.87 -17.18
C LEU A 177 28.89 16.20 -17.44
N PRO A 178 29.05 16.85 -18.60
CA PRO A 178 28.26 18.09 -18.83
C PRO A 178 26.77 17.85 -18.73
N ALA A 179 26.28 16.72 -19.24
CA ALA A 179 24.85 16.42 -19.13
C ALA A 179 24.45 16.26 -17.67
N LEU A 180 25.26 15.58 -16.86
CA LEU A 180 24.94 15.44 -15.45
C LEU A 180 24.89 16.81 -14.78
N GLU A 181 25.92 17.64 -15.03
CA GLU A 181 25.96 18.96 -14.42
C GLU A 181 24.70 19.76 -14.76
N ARG A 182 24.27 19.71 -16.02
CA ARG A 182 23.02 20.38 -16.40
C ARG A 182 21.83 19.84 -15.61
N ALA A 183 21.72 18.52 -15.48
CA ALA A 183 20.57 17.96 -14.77
C ALA A 183 20.58 18.38 -13.31
N LEU A 184 21.76 18.43 -12.68
CA LEU A 184 21.83 18.77 -11.26
C LEU A 184 21.65 20.26 -10.96
N GLN A 185 21.45 21.10 -11.99
CA GLN A 185 21.06 22.49 -11.74
C GLN A 185 19.68 22.58 -11.10
N ASP A 186 18.83 21.59 -11.29
CA ASP A 186 17.52 21.57 -10.67
C ASP A 186 17.66 21.15 -9.21
N PRO A 187 17.33 22.01 -8.24
CA PRO A 187 17.46 21.64 -6.83
C PRO A 187 16.47 20.57 -6.38
N ASN A 188 15.48 20.22 -7.19
CA ASN A 188 14.59 19.14 -6.82
C ASN A 188 15.17 17.76 -7.14
N VAL A 189 16.37 17.67 -7.72
CA VAL A 189 17.01 16.36 -7.91
C VAL A 189 17.54 15.88 -6.57
N ALA A 190 17.12 14.67 -6.16
CA ALA A 190 17.59 14.07 -4.92
C ALA A 190 18.79 13.15 -5.11
N ALA A 191 18.92 12.53 -6.27
CA ALA A 191 19.93 11.49 -6.42
C ALA A 191 20.21 11.26 -7.90
N PHE A 192 21.38 10.67 -8.15
CA PHE A 192 21.81 10.15 -9.45
C PHE A 192 22.17 8.71 -9.21
N MET A 193 21.52 7.79 -9.92
CA MET A 193 21.81 6.36 -9.82
C MET A 193 22.51 5.90 -11.10
N VAL A 194 23.64 5.22 -10.94
CA VAL A 194 24.47 4.86 -12.10
C VAL A 194 25.29 3.62 -11.78
N GLU A 195 25.50 2.79 -12.84
CA GLU A 195 26.40 1.66 -12.85
C GLU A 195 27.81 2.11 -13.21
N PRO A 196 28.83 1.71 -12.46
CA PRO A 196 30.20 2.14 -12.80
C PRO A 196 30.72 1.52 -14.09
N ILE A 197 30.15 0.37 -14.47
CA ILE A 197 30.25 -0.21 -15.80
C ILE A 197 28.86 -0.72 -16.13
N GLN A 198 28.33 -0.35 -17.29
CA GLN A 198 26.99 -0.84 -17.67
C GLN A 198 27.13 -2.26 -18.25
N GLY A 199 26.67 -3.25 -17.51
CA GLY A 199 26.77 -4.64 -17.94
C GLY A 199 25.77 -5.01 -19.02
N GLU A 200 24.47 -4.86 -18.73
CA GLU A 200 23.43 -5.26 -19.67
C GLU A 200 23.55 -4.50 -21.00
N ALA A 201 24.02 -3.26 -20.96
CA ALA A 201 24.17 -2.51 -22.20
C ALA A 201 25.31 -3.02 -23.10
N GLY A 202 26.15 -3.92 -22.59
CA GLY A 202 27.22 -4.49 -23.39
C GLY A 202 28.60 -4.30 -22.80
N VAL A 203 28.70 -4.29 -21.48
CA VAL A 203 29.94 -3.99 -20.76
C VAL A 203 30.48 -2.66 -21.28
N VAL A 204 29.70 -1.60 -21.07
CA VAL A 204 30.05 -0.26 -21.51
C VAL A 204 30.83 0.41 -20.38
N VAL A 205 32.12 0.61 -20.60
CA VAL A 205 33.04 1.16 -19.60
C VAL A 205 33.14 2.66 -19.85
N PRO A 206 32.83 3.51 -18.88
CA PRO A 206 32.95 4.96 -19.08
C PRO A 206 34.40 5.40 -19.04
N ASP A 207 34.63 6.61 -19.55
CA ASP A 207 35.99 7.11 -19.68
C ASP A 207 36.64 7.31 -18.30
N PRO A 208 37.96 7.16 -18.20
CA PRO A 208 38.65 7.50 -16.96
C PRO A 208 38.29 8.89 -16.47
N GLY A 209 38.11 9.02 -15.16
CA GLY A 209 37.65 10.27 -14.57
C GLY A 209 36.14 10.46 -14.52
N TYR A 210 35.35 9.58 -15.16
CA TYR A 210 33.90 9.77 -15.11
C TYR A 210 33.36 9.65 -13.69
N LEU A 211 33.75 8.57 -12.98
CA LEU A 211 33.23 8.36 -11.63
C LEU A 211 33.70 9.46 -10.69
N MET A 212 34.97 9.87 -10.82
N MET A 212 34.96 9.89 -10.83
CA MET A 212 35.47 10.99 -10.03
CA MET A 212 35.47 10.99 -10.01
C MET A 212 34.62 12.23 -10.25
C MET A 212 34.68 12.27 -10.27
N GLY A 213 34.29 12.51 -11.52
CA GLY A 213 33.53 13.71 -11.83
C GLY A 213 32.08 13.61 -11.38
N VAL A 214 31.49 12.42 -11.47
CA VAL A 214 30.15 12.21 -10.91
C VAL A 214 30.16 12.51 -9.41
N ARG A 215 31.16 11.99 -8.69
CA ARG A 215 31.25 12.24 -7.26
C ARG A 215 31.37 13.73 -6.96
N GLU A 216 32.22 14.43 -7.72
CA GLU A 216 32.40 15.86 -7.50
C GLU A 216 31.10 16.63 -7.73
N LEU A 217 30.38 16.31 -8.81
CA LEU A 217 29.14 17.04 -9.10
C LEU A 217 28.06 16.74 -8.06
N CYS A 218 27.91 15.47 -7.67
CA CYS A 218 26.86 15.13 -6.70
C CYS A 218 27.10 15.84 -5.37
N THR A 219 28.35 15.84 -4.91
CA THR A 219 28.67 16.51 -3.66
C THR A 219 28.42 18.02 -3.76
N ARG A 220 28.81 18.64 -4.88
CA ARG A 220 28.64 20.08 -5.00
C ARG A 220 27.17 20.47 -4.91
N HIS A 221 26.30 19.69 -5.55
CA HIS A 221 24.89 20.06 -5.66
C HIS A 221 24.02 19.40 -4.61
N GLN A 222 24.62 18.77 -3.60
CA GLN A 222 23.86 18.12 -2.53
C GLN A 222 22.88 17.10 -3.12
N VAL A 223 23.45 16.16 -3.89
CA VAL A 223 22.70 15.11 -4.57
C VAL A 223 23.33 13.77 -4.20
N LEU A 224 22.51 12.77 -3.88
CA LEU A 224 23.06 11.47 -3.50
C LEU A 224 23.58 10.74 -4.74
N PHE A 225 24.80 10.22 -4.63
CA PHE A 225 25.39 9.36 -5.65
C PHE A 225 25.08 7.91 -5.27
N ILE A 226 24.14 7.28 -6.00
CA ILE A 226 23.82 5.87 -5.81
C ILE A 226 24.60 5.08 -6.84
N ALA A 227 25.48 4.21 -6.38
CA ALA A 227 26.27 3.35 -7.27
C ALA A 227 25.65 1.97 -7.26
N ASP A 228 25.16 1.53 -8.42
CA ASP A 228 24.61 0.19 -8.56
C ASP A 228 25.76 -0.74 -8.90
N GLU A 229 26.24 -1.47 -7.88
CA GLU A 229 27.32 -2.43 -8.03
C GLU A 229 26.80 -3.87 -7.92
N ILE A 230 25.53 -4.08 -8.23
CA ILE A 230 24.96 -5.41 -8.09
C ILE A 230 25.66 -6.38 -9.04
N GLN A 231 26.06 -5.90 -10.22
CA GLN A 231 26.82 -6.71 -11.18
C GLN A 231 28.31 -6.49 -11.10
N THR A 232 28.76 -5.24 -10.91
CA THR A 232 30.17 -4.93 -10.97
C THR A 232 30.91 -5.15 -9.66
N GLY A 233 30.19 -5.25 -8.54
CA GLY A 233 30.83 -5.34 -7.25
C GLY A 233 31.43 -6.71 -6.98
N LEU A 234 31.98 -6.85 -5.77
CA LEU A 234 32.34 -8.16 -5.21
C LEU A 234 33.40 -8.87 -6.07
N ALA A 235 34.45 -8.14 -6.43
CA ALA A 235 35.67 -8.62 -7.06
C ALA A 235 35.55 -8.89 -8.55
N ARG A 236 34.36 -8.78 -9.14
CA ARG A 236 34.16 -9.12 -10.55
C ARG A 236 35.07 -8.30 -11.47
N THR A 237 35.21 -7.00 -11.20
CA THR A 237 36.03 -6.12 -12.03
C THR A 237 37.45 -5.95 -11.51
N GLY A 238 37.86 -6.74 -10.52
CA GLY A 238 39.20 -6.69 -10.00
C GLY A 238 39.38 -5.88 -8.72
N ARG A 239 38.30 -5.34 -8.16
CA ARG A 239 38.33 -4.65 -6.87
C ARG A 239 37.07 -5.05 -6.12
N TRP A 240 37.04 -4.74 -4.81
CA TRP A 240 35.80 -4.93 -4.05
C TRP A 240 34.63 -4.24 -4.73
N LEU A 241 34.82 -3.00 -5.19
CA LEU A 241 33.83 -2.27 -5.95
C LEU A 241 34.51 -1.67 -7.18
N ALA A 242 33.78 -1.63 -8.30
CA ALA A 242 34.33 -0.97 -9.48
C ALA A 242 34.66 0.50 -9.21
N VAL A 243 33.92 1.17 -8.32
CA VAL A 243 34.23 2.57 -8.02
C VAL A 243 35.61 2.72 -7.36
N ASP A 244 36.16 1.63 -6.82
CA ASP A 244 37.46 1.70 -6.16
C ASP A 244 38.59 2.03 -7.14
N TYR A 245 38.39 1.80 -8.43
CA TYR A 245 39.40 2.13 -9.43
C TYR A 245 39.71 3.63 -9.46
N GLU A 246 38.77 4.47 -9.05
CA GLU A 246 39.01 5.91 -8.98
C GLU A 246 38.86 6.45 -7.56
N ASN A 247 38.97 5.59 -6.55
CA ASN A 247 38.90 5.97 -5.14
C ASN A 247 37.58 6.66 -4.77
N VAL A 248 36.49 6.31 -5.45
CA VAL A 248 35.25 7.06 -5.32
C VAL A 248 34.36 6.40 -4.27
N ARG A 249 33.83 7.21 -3.35
CA ARG A 249 32.94 6.73 -2.29
C ARG A 249 31.52 7.21 -2.57
N PRO A 250 30.65 6.36 -3.09
CA PRO A 250 29.25 6.77 -3.33
C PRO A 250 28.53 7.01 -2.02
N ASP A 251 27.39 7.70 -2.11
CA ASP A 251 26.53 7.86 -0.92
C ASP A 251 25.78 6.58 -0.59
N ILE A 252 25.31 5.85 -1.60
CA ILE A 252 24.61 4.59 -1.42
C ILE A 252 25.25 3.59 -2.36
N VAL A 253 25.57 2.40 -1.85
CA VAL A 253 26.07 1.31 -2.68
C VAL A 253 25.07 0.17 -2.66
N LEU A 254 24.72 -0.35 -3.83
CA LEU A 254 23.84 -1.50 -3.97
C LEU A 254 24.66 -2.73 -4.29
N LEU A 255 24.40 -3.81 -3.56
CA LEU A 255 25.03 -5.10 -3.83
C LEU A 255 23.95 -6.17 -3.96
N GLY A 256 24.27 -7.20 -4.73
CA GLY A 256 23.36 -8.30 -4.92
C GLY A 256 24.11 -9.43 -5.59
N LYS A 257 23.39 -10.22 -6.39
CA LYS A 257 23.95 -11.33 -7.15
C LYS A 257 24.99 -12.15 -6.39
N ALA A 258 26.29 -11.82 -6.54
CA ALA A 258 27.32 -12.67 -5.94
C ALA A 258 27.42 -12.53 -4.43
N LEU A 259 26.62 -11.65 -3.80
CA LEU A 259 26.63 -11.54 -2.34
C LEU A 259 26.31 -12.87 -1.65
N SER A 260 25.72 -13.82 -2.37
CA SER A 260 25.42 -15.13 -1.84
C SER A 260 26.13 -16.26 -2.56
N GLY A 261 26.99 -15.96 -3.54
CA GLY A 261 27.58 -17.03 -4.33
C GLY A 261 26.56 -17.89 -5.07
N GLY A 262 25.35 -17.37 -5.30
CA GLY A 262 24.34 -18.06 -6.06
C GLY A 262 23.46 -18.99 -5.24
N LEU A 263 23.67 -19.06 -3.93
CA LEU A 263 22.96 -20.01 -3.08
C LEU A 263 21.65 -19.50 -2.49
N TYR A 264 21.38 -18.19 -2.60
CA TYR A 264 20.24 -17.58 -1.90
C TYR A 264 20.08 -16.15 -2.40
N PRO A 265 18.85 -15.66 -2.68
CA PRO A 265 18.72 -14.25 -3.11
C PRO A 265 18.96 -13.32 -1.93
N VAL A 266 20.11 -12.65 -1.94
CA VAL A 266 20.50 -11.68 -0.90
C VAL A 266 20.95 -10.41 -1.61
N SER A 267 20.42 -9.27 -1.20
CA SER A 267 20.89 -7.99 -1.69
C SER A 267 21.08 -7.05 -0.50
N ALA A 268 21.80 -5.94 -0.75
CA ALA A 268 22.16 -5.06 0.35
C ALA A 268 22.21 -3.61 -0.13
N VAL A 269 21.77 -2.71 0.74
CA VAL A 269 21.87 -1.27 0.50
C VAL A 269 22.73 -0.70 1.61
N LEU A 270 23.87 -0.11 1.25
CA LEU A 270 24.84 0.42 2.20
C LEU A 270 24.86 1.94 2.15
N CYS A 271 24.82 2.59 3.31
CA CYS A 271 24.96 4.05 3.38
C CYS A 271 25.12 4.46 4.83
N ASP A 272 25.44 5.74 5.02
CA ASP A 272 25.69 6.29 6.35
C ASP A 272 24.39 6.73 7.02
N ASP A 273 24.52 7.04 8.31
CA ASP A 273 23.37 7.27 9.18
C ASP A 273 22.46 8.40 8.69
N ASP A 274 23.05 9.50 8.20
N ASP A 274 23.04 9.51 8.22
CA ASP A 274 22.27 10.66 7.80
CA ASP A 274 22.18 10.64 7.86
C ASP A 274 21.34 10.36 6.63
C ASP A 274 21.26 10.29 6.70
N ILE A 275 21.62 9.31 5.87
CA ILE A 275 20.72 8.84 4.83
C ILE A 275 19.85 7.70 5.31
N MET A 276 20.49 6.65 5.86
CA MET A 276 19.77 5.45 6.25
C MET A 276 18.65 5.75 7.23
N LEU A 277 18.90 6.64 8.18
CA LEU A 277 17.93 6.84 9.25
C LEU A 277 16.80 7.78 8.86
N THR A 278 16.72 8.21 7.59
CA THR A 278 15.49 8.90 7.16
C THR A 278 14.30 7.94 7.13
N ILE A 279 14.55 6.64 7.09
CA ILE A 279 13.46 5.66 7.09
C ILE A 279 13.26 5.19 8.52
N LYS A 280 12.05 5.37 9.02
CA LYS A 280 11.70 5.06 10.41
C LYS A 280 11.09 3.67 10.50
N PRO A 281 11.01 3.11 11.72
CA PRO A 281 10.41 1.78 11.87
C PRO A 281 9.02 1.70 11.26
N GLY A 282 8.76 0.61 10.55
CA GLY A 282 7.49 0.41 9.89
C GLY A 282 7.38 1.00 8.50
N GLU A 283 8.37 1.78 8.06
CA GLU A 283 8.27 2.50 6.79
C GLU A 283 8.91 1.78 5.60
N HIS A 284 9.53 0.62 5.82
CA HIS A 284 10.09 -0.13 4.71
C HIS A 284 10.47 -1.51 5.22
N GLY A 285 10.30 -2.52 4.39
CA GLY A 285 10.60 -3.86 4.85
C GLY A 285 10.49 -4.87 3.73
N SER A 286 10.57 -6.13 4.14
CA SER A 286 10.51 -7.28 3.24
C SER A 286 10.34 -8.51 4.11
N THR A 287 9.52 -9.46 3.66
CA THR A 287 9.32 -10.64 4.50
C THR A 287 10.62 -11.39 4.73
N TYR A 288 11.35 -11.68 3.64
CA TYR A 288 12.56 -12.49 3.76
C TYR A 288 13.84 -11.66 3.94
N GLY A 289 13.77 -10.34 3.83
CA GLY A 289 15.00 -9.56 3.96
C GLY A 289 15.67 -9.72 5.31
N GLY A 290 16.97 -10.01 5.33
CA GLY A 290 17.70 -10.15 6.58
C GLY A 290 17.47 -11.45 7.33
N ASN A 291 16.88 -12.46 6.69
CA ASN A 291 16.63 -13.73 7.36
C ASN A 291 17.95 -14.42 7.72
N PRO A 292 17.97 -15.25 8.76
CA PRO A 292 19.27 -15.78 9.24
C PRO A 292 19.93 -16.73 8.26
N LEU A 293 19.16 -17.45 7.45
CA LEU A 293 19.77 -18.36 6.48
C LEU A 293 20.52 -17.60 5.39
N GLY A 294 19.88 -16.59 4.78
CA GLY A 294 20.60 -15.77 3.81
C GLY A 294 21.80 -15.06 4.41
N CYS A 295 21.68 -14.60 5.66
CA CYS A 295 22.80 -13.91 6.28
C CYS A 295 24.01 -14.83 6.45
N ARG A 296 23.78 -16.07 6.87
CA ARG A 296 24.90 -17.01 7.03
C ARG A 296 25.59 -17.27 5.69
N VAL A 297 24.84 -17.39 4.60
CA VAL A 297 25.53 -17.69 3.35
C VAL A 297 26.20 -16.44 2.80
N ALA A 298 25.65 -15.25 3.06
CA ALA A 298 26.30 -14.02 2.61
C ALA A 298 27.62 -13.80 3.33
N ILE A 299 27.67 -14.07 4.63
CA ILE A 299 28.94 -13.95 5.36
C ILE A 299 29.99 -14.86 4.73
N ALA A 300 29.60 -16.11 4.44
CA ALA A 300 30.54 -17.06 3.87
C ALA A 300 30.93 -16.69 2.44
N ALA A 301 29.96 -16.21 1.66
CA ALA A 301 30.28 -15.78 0.29
C ALA A 301 31.27 -14.63 0.28
N LEU A 302 31.08 -13.66 1.19
CA LEU A 302 32.02 -12.56 1.32
C LEU A 302 33.39 -13.05 1.80
N GLU A 303 33.40 -13.98 2.77
CA GLU A 303 34.66 -14.51 3.26
C GLU A 303 35.45 -15.20 2.16
N VAL A 304 34.76 -15.91 1.26
CA VAL A 304 35.43 -16.56 0.14
C VAL A 304 36.13 -15.52 -0.73
N LEU A 305 35.43 -14.42 -1.02
CA LEU A 305 36.03 -13.41 -1.90
C LEU A 305 37.30 -12.84 -1.28
N GLU A 306 37.30 -12.64 0.05
CA GLU A 306 38.44 -12.04 0.73
C GLU A 306 39.57 -13.04 0.95
N GLU A 307 39.23 -14.23 1.45
CA GLU A 307 40.25 -15.26 1.71
C GLU A 307 41.01 -15.63 0.45
N GLU A 308 40.30 -15.96 -0.62
CA GLU A 308 40.92 -16.45 -1.84
C GLU A 308 41.42 -15.33 -2.74
N ASN A 309 41.39 -14.08 -2.26
CA ASN A 309 41.90 -12.91 -2.98
C ASN A 309 41.44 -12.89 -4.44
N LEU A 310 40.13 -13.04 -4.63
CA LEU A 310 39.60 -13.18 -5.99
C LEU A 310 39.65 -11.87 -6.77
N ALA A 311 39.62 -10.72 -6.09
CA ALA A 311 39.77 -9.46 -6.80
C ALA A 311 41.13 -9.36 -7.49
N GLU A 312 42.20 -9.76 -6.79
CA GLU A 312 43.52 -9.77 -7.41
C GLU A 312 43.58 -10.75 -8.57
N ASN A 313 42.98 -11.93 -8.41
CA ASN A 313 42.97 -12.90 -9.49
C ASN A 313 42.19 -12.37 -10.69
N ALA A 314 41.03 -11.74 -10.45
CA ALA A 314 40.24 -11.22 -11.56
C ALA A 314 41.00 -10.12 -12.30
N ASP A 315 41.71 -9.26 -11.57
CA ASP A 315 42.49 -8.22 -12.23
C ASP A 315 43.58 -8.83 -13.09
N LYS A 316 44.38 -9.73 -12.53
CA LYS A 316 45.50 -10.30 -13.29
C LYS A 316 45.01 -11.12 -14.46
N LEU A 317 43.98 -11.95 -14.26
CA LEU A 317 43.53 -12.83 -15.33
C LEU A 317 42.74 -12.08 -16.39
N GLY A 318 42.04 -11.01 -16.00
CA GLY A 318 41.37 -10.18 -16.99
C GLY A 318 42.33 -9.52 -17.95
N ILE A 319 43.50 -9.11 -17.45
CA ILE A 319 44.53 -8.55 -18.33
C ILE A 319 44.93 -9.57 -19.40
N ILE A 320 45.15 -10.81 -18.98
CA ILE A 320 45.51 -11.86 -19.94
C ILE A 320 44.39 -12.07 -20.94
N LEU A 321 43.15 -12.13 -20.46
CA LEU A 321 42.01 -12.44 -21.32
C LEU A 321 41.82 -11.36 -22.38
N ARG A 322 41.78 -10.09 -21.96
CA ARG A 322 41.67 -9.01 -22.93
C ARG A 322 42.85 -8.99 -23.90
N ASN A 323 44.06 -9.22 -23.39
CA ASN A 323 45.23 -9.19 -24.27
C ASN A 323 45.14 -10.26 -25.35
N GLU A 324 44.63 -11.44 -25.00
CA GLU A 324 44.54 -12.53 -25.98
C GLU A 324 43.37 -12.32 -26.94
N LEU A 325 42.24 -11.82 -26.44
CA LEU A 325 41.11 -11.56 -27.33
C LEU A 325 41.44 -10.46 -28.34
N MET A 326 42.30 -9.51 -27.96
CA MET A 326 42.70 -8.44 -28.88
C MET A 326 43.58 -8.94 -30.00
N LYS A 327 44.11 -10.16 -29.91
CA LYS A 327 44.87 -10.72 -31.00
C LYS A 327 43.99 -11.21 -32.14
N LEU A 328 42.69 -11.34 -31.90
CA LEU A 328 41.77 -11.80 -32.93
C LEU A 328 41.69 -10.76 -34.06
N PRO A 329 41.41 -11.19 -35.28
CA PRO A 329 41.45 -10.27 -36.43
C PRO A 329 40.35 -9.22 -36.33
N SER A 330 40.66 -8.03 -36.86
CA SER A 330 39.77 -6.89 -36.77
C SER A 330 38.76 -6.82 -37.91
N ASP A 331 38.76 -7.79 -38.82
CA ASP A 331 37.61 -8.00 -39.69
C ASP A 331 36.63 -8.98 -39.09
N VAL A 332 36.87 -9.42 -37.85
CA VAL A 332 36.00 -10.36 -37.15
C VAL A 332 35.50 -9.71 -35.86
N VAL A 333 36.43 -9.27 -35.02
CA VAL A 333 36.10 -8.59 -33.77
C VAL A 333 36.51 -7.13 -33.90
N THR A 334 35.58 -6.24 -33.58
CA THR A 334 35.82 -4.81 -33.74
C THR A 334 36.34 -4.15 -32.47
N ALA A 335 36.06 -4.72 -31.30
CA ALA A 335 36.52 -4.12 -30.05
C ALA A 335 36.56 -5.16 -28.95
N VAL A 336 37.43 -4.92 -27.97
CA VAL A 336 37.55 -5.70 -26.75
C VAL A 336 37.48 -4.73 -25.59
N ARG A 337 36.60 -4.99 -24.63
CA ARG A 337 36.48 -4.06 -23.50
C ARG A 337 36.12 -4.81 -22.24
N GLY A 338 36.34 -4.12 -21.12
CA GLY A 338 36.05 -4.66 -19.81
C GLY A 338 37.10 -4.34 -18.77
N LYS A 339 36.81 -4.70 -17.52
CA LYS A 339 37.76 -4.63 -16.42
C LYS A 339 37.64 -5.90 -15.61
N GLY A 340 38.77 -6.33 -15.06
CA GLY A 340 38.81 -7.60 -14.35
C GLY A 340 38.26 -8.69 -15.23
N LEU A 341 37.38 -9.52 -14.66
CA LEU A 341 36.77 -10.61 -15.40
C LEU A 341 35.36 -10.29 -15.86
N LEU A 342 35.06 -9.01 -16.07
CA LEU A 342 33.83 -8.59 -16.74
C LEU A 342 34.25 -8.00 -18.08
N ASN A 343 34.15 -8.81 -19.13
CA ASN A 343 34.62 -8.40 -20.44
C ASN A 343 33.60 -8.71 -21.51
N ALA A 344 33.82 -8.14 -22.69
CA ALA A 344 32.99 -8.39 -23.86
C ALA A 344 33.80 -8.15 -25.12
N ILE A 345 33.35 -8.76 -26.21
CA ILE A 345 33.90 -8.49 -27.53
C ILE A 345 32.74 -8.08 -28.44
N VAL A 346 33.03 -7.21 -29.39
CA VAL A 346 32.08 -6.82 -30.43
C VAL A 346 32.51 -7.47 -31.73
N ILE A 347 31.62 -8.29 -32.32
CA ILE A 347 31.92 -8.95 -33.59
C ILE A 347 31.41 -8.10 -34.73
N LYS A 348 32.04 -8.25 -35.90
CA LYS A 348 31.63 -7.55 -37.12
C LYS A 348 30.49 -8.32 -37.78
N GLU A 349 29.31 -8.22 -37.17
CA GLU A 349 28.17 -9.01 -37.64
C GLU A 349 27.77 -8.57 -39.04
N THR A 350 27.48 -9.56 -39.88
CA THR A 350 27.00 -9.33 -41.23
C THR A 350 25.54 -9.76 -41.33
N LYS A 351 25.04 -9.87 -42.56
CA LYS A 351 23.65 -10.27 -42.76
C LYS A 351 23.40 -11.73 -42.40
N ASP A 352 24.43 -12.57 -42.41
CA ASP A 352 24.27 -14.01 -42.18
C ASP A 352 25.10 -14.52 -41.01
N TRP A 353 25.67 -13.63 -40.20
CA TRP A 353 26.58 -14.02 -39.14
C TRP A 353 26.37 -13.10 -37.94
N ASP A 354 26.00 -13.67 -36.79
CA ASP A 354 25.72 -12.86 -35.62
C ASP A 354 26.32 -13.51 -34.37
N ALA A 355 26.05 -12.90 -33.22
CA ALA A 355 26.63 -13.37 -31.96
C ALA A 355 25.92 -14.60 -31.42
N TRP A 356 24.61 -14.73 -31.66
CA TRP A 356 23.89 -15.93 -31.26
C TRP A 356 24.44 -17.17 -31.96
N LYS A 357 24.87 -17.03 -33.23
CA LYS A 357 25.49 -18.17 -33.92
C LYS A 357 26.81 -18.55 -33.25
N VAL A 358 27.61 -17.55 -32.89
CA VAL A 358 28.89 -17.82 -32.24
C VAL A 358 28.68 -18.56 -30.93
N CYS A 359 27.73 -18.10 -30.11
CA CYS A 359 27.51 -18.74 -28.82
C CYS A 359 26.98 -20.16 -28.97
N LEU A 360 26.18 -20.43 -30.01
CA LEU A 360 25.76 -21.81 -30.26
C LEU A 360 26.97 -22.70 -30.55
N ARG A 361 27.95 -22.20 -31.30
CA ARG A 361 29.11 -23.04 -31.59
C ARG A 361 30.08 -23.09 -30.41
N LEU A 362 30.18 -22.03 -29.63
CA LEU A 362 30.93 -22.10 -28.37
C LEU A 362 30.36 -23.19 -27.46
N ARG A 363 29.02 -23.25 -27.39
CA ARG A 363 28.38 -24.32 -26.63
C ARG A 363 28.73 -25.68 -27.21
N ASP A 364 28.74 -25.81 -28.54
CA ASP A 364 29.14 -27.06 -29.16
C ASP A 364 30.58 -27.44 -28.82
N ASN A 365 31.44 -26.45 -28.57
CA ASN A 365 32.83 -26.69 -28.22
C ASN A 365 33.09 -26.62 -26.72
N GLY A 366 32.06 -26.65 -25.88
CA GLY A 366 32.23 -26.79 -24.46
C GLY A 366 32.44 -25.52 -23.65
N LEU A 367 31.94 -24.39 -24.14
CA LEU A 367 32.04 -23.12 -23.41
C LEU A 367 30.73 -22.39 -23.55
N LEU A 368 30.16 -21.93 -22.43
CA LEU A 368 28.85 -21.29 -22.41
C LEU A 368 29.01 -19.78 -22.24
N ALA A 369 28.46 -19.03 -23.18
CA ALA A 369 28.45 -17.57 -23.14
C ALA A 369 27.16 -17.09 -23.78
N LYS A 370 26.73 -15.89 -23.38
CA LYS A 370 25.49 -15.38 -23.93
C LYS A 370 25.74 -14.07 -24.67
N PRO A 371 25.07 -13.85 -25.80
CA PRO A 371 25.20 -12.56 -26.50
C PRO A 371 24.28 -11.52 -25.88
N THR A 372 24.76 -10.28 -25.78
CA THR A 372 23.99 -9.20 -25.19
C THR A 372 23.30 -8.33 -26.23
N HIS A 373 23.84 -8.26 -27.44
CA HIS A 373 23.20 -7.61 -28.57
C HIS A 373 23.48 -8.46 -29.80
N GLY A 374 22.97 -8.03 -30.95
CA GLY A 374 23.24 -8.76 -32.17
C GLY A 374 24.72 -8.92 -32.48
N ASP A 375 25.58 -8.12 -31.83
CA ASP A 375 26.99 -8.06 -32.18
C ASP A 375 27.93 -8.09 -30.97
N ILE A 376 27.44 -8.38 -29.76
CA ILE A 376 28.28 -8.33 -28.55
C ILE A 376 28.15 -9.66 -27.82
N ILE A 377 29.28 -10.19 -27.35
CA ILE A 377 29.33 -11.41 -26.55
C ILE A 377 30.08 -11.10 -25.25
N ARG A 378 29.47 -11.45 -24.13
CA ARG A 378 30.08 -11.23 -22.82
C ARG A 378 30.88 -12.46 -22.39
N PHE A 379 32.06 -12.22 -21.84
CA PHE A 379 32.92 -13.28 -21.30
C PHE A 379 33.17 -12.99 -19.83
N ALA A 380 32.53 -13.76 -18.95
CA ALA A 380 32.58 -13.50 -17.51
C ALA A 380 32.61 -14.84 -16.77
N PRO A 381 33.78 -15.47 -16.68
CA PRO A 381 33.90 -16.75 -15.98
C PRO A 381 33.99 -16.53 -14.48
N PRO A 382 33.75 -17.57 -13.68
CA PRO A 382 33.89 -17.40 -12.23
C PRO A 382 35.29 -16.97 -11.84
N LEU A 383 35.37 -16.17 -10.77
CA LEU A 383 36.63 -15.59 -10.32
C LEU A 383 37.60 -16.64 -9.79
N VAL A 384 37.13 -17.86 -9.51
CA VAL A 384 37.99 -18.94 -9.03
C VAL A 384 38.78 -19.61 -10.13
N ILE A 385 38.64 -19.17 -11.39
CA ILE A 385 39.35 -19.80 -12.48
C ILE A 385 40.85 -19.57 -12.36
N LYS A 386 41.63 -20.57 -12.78
CA LYS A 386 43.08 -20.50 -12.81
C LYS A 386 43.57 -20.15 -14.21
N GLU A 387 44.85 -19.77 -14.31
CA GLU A 387 45.37 -19.30 -15.58
C GLU A 387 45.29 -20.37 -16.67
N ASP A 388 45.67 -21.62 -16.35
CA ASP A 388 45.65 -22.65 -17.38
C ASP A 388 44.22 -22.98 -17.82
N GLU A 389 43.27 -22.97 -16.88
CA GLU A 389 41.88 -23.11 -17.27
C GLU A 389 41.46 -21.97 -18.18
N LEU A 390 41.87 -20.75 -17.85
CA LEU A 390 41.55 -19.60 -18.71
C LEU A 390 42.15 -19.76 -20.10
N ARG A 391 43.44 -20.14 -20.18
CA ARG A 391 44.08 -20.25 -21.48
C ARG A 391 43.43 -21.35 -22.33
N GLU A 392 43.00 -22.45 -21.68
CA GLU A 392 42.25 -23.46 -22.41
C GLU A 392 40.94 -22.90 -22.94
N SER A 393 40.29 -22.04 -22.16
CA SER A 393 39.07 -21.39 -22.63
C SER A 393 39.37 -20.41 -23.76
N ILE A 394 40.43 -19.61 -23.61
CA ILE A 394 40.81 -18.69 -24.67
C ILE A 394 41.06 -19.46 -25.97
N GLU A 395 41.65 -20.65 -25.86
CA GLU A 395 41.84 -21.51 -27.03
C GLU A 395 40.51 -21.86 -27.68
N ILE A 396 39.54 -22.31 -26.88
CA ILE A 396 38.23 -22.65 -27.42
C ILE A 396 37.60 -21.44 -28.10
N ILE A 397 37.78 -20.26 -27.50
CA ILE A 397 37.21 -19.04 -28.08
C ILE A 397 37.87 -18.72 -29.41
N ASN A 398 39.21 -18.68 -29.43
CA ASN A 398 39.93 -18.38 -30.67
C ASN A 398 39.51 -19.34 -31.78
N LYS A 399 39.56 -20.64 -31.49
CA LYS A 399 39.24 -21.64 -32.50
C LYS A 399 37.80 -21.50 -32.98
N THR A 400 36.87 -21.25 -32.06
CA THR A 400 35.46 -21.10 -32.45
C THR A 400 35.28 -19.89 -33.37
N ILE A 401 35.92 -18.76 -33.03
CA ILE A 401 35.73 -17.53 -33.79
C ILE A 401 36.18 -17.70 -35.23
N LEU A 402 37.45 -18.06 -35.43
CA LEU A 402 37.98 -18.18 -36.77
C LEU A 402 37.49 -19.42 -37.51
N SER A 403 36.88 -20.38 -36.82
CA SER A 403 36.26 -21.50 -37.51
C SER A 403 35.02 -21.09 -38.28
N PHE A 404 34.65 -19.82 -38.24
CA PHE A 404 33.55 -19.30 -39.05
C PHE A 404 34.07 -18.87 -40.41
N GLY B 1 32.24 -15.73 25.14
CA GLY B 1 30.88 -16.26 25.20
C GLY B 1 29.94 -15.69 24.15
N PRO B 2 28.72 -16.20 24.10
CA PRO B 2 27.77 -15.78 23.06
C PRO B 2 27.12 -14.46 23.42
N PRO B 3 26.69 -13.68 22.43
CA PRO B 3 25.95 -12.45 22.73
C PRO B 3 24.68 -12.76 23.50
N THR B 4 24.33 -11.87 24.43
CA THR B 4 23.04 -11.92 25.08
C THR B 4 21.98 -11.30 24.17
N SER B 5 20.72 -11.33 24.61
CA SER B 5 19.66 -10.66 23.86
C SER B 5 19.95 -9.17 23.73
N ASP B 6 20.36 -8.54 24.83
CA ASP B 6 20.65 -7.11 24.78
C ASP B 6 21.82 -6.80 23.87
N ASP B 7 22.85 -7.66 23.88
CA ASP B 7 23.94 -7.56 22.91
C ASP B 7 23.41 -7.58 21.47
N ILE B 8 22.52 -8.51 21.18
CA ILE B 8 22.00 -8.65 19.83
C ILE B 8 21.22 -7.43 19.41
N PHE B 9 20.35 -6.91 20.30
CA PHE B 9 19.58 -5.72 19.98
C PHE B 9 20.50 -4.55 19.67
N GLU B 10 21.49 -4.33 20.54
CA GLU B 10 22.39 -3.19 20.40
C GLU B 10 23.20 -3.25 19.11
N ARG B 11 23.65 -4.45 18.74
CA ARG B 11 24.46 -4.58 17.53
C ARG B 11 23.65 -4.24 16.30
N GLU B 12 22.39 -4.69 16.25
CA GLU B 12 21.55 -4.33 15.12
C GLU B 12 21.24 -2.83 15.10
N TYR B 13 21.05 -2.24 16.28
CA TYR B 13 20.81 -0.80 16.36
C TYR B 13 21.99 -0.02 15.80
N LYS B 14 23.21 -0.53 15.99
CA LYS B 14 24.41 0.16 15.53
C LYS B 14 24.65 -0.01 14.03
N TYR B 15 24.49 -1.22 13.51
CA TYR B 15 24.93 -1.53 12.15
C TYR B 15 23.82 -1.77 11.15
N GLY B 16 22.57 -1.86 11.59
CA GLY B 16 21.46 -2.13 10.70
C GLY B 16 20.54 -0.93 10.58
N ALA B 17 19.87 -0.81 9.43
CA ALA B 17 18.84 0.19 9.27
C ALA B 17 17.76 0.03 10.35
N HIS B 18 17.11 1.15 10.69
CA HIS B 18 16.03 1.13 11.68
C HIS B 18 14.65 1.06 11.03
N ASN B 19 14.48 0.23 10.01
CA ASN B 19 13.19 0.16 9.35
C ASN B 19 12.20 -0.75 10.06
N TYR B 20 12.62 -1.43 11.13
CA TYR B 20 11.72 -2.24 11.95
C TYR B 20 11.90 -1.89 13.42
N HIS B 21 10.83 -2.08 14.20
CA HIS B 21 10.88 -2.07 15.67
C HIS B 21 10.38 -3.42 16.16
N PRO B 22 11.24 -4.43 16.21
CA PRO B 22 10.78 -5.78 16.51
C PRO B 22 10.40 -5.93 17.98
N LEU B 23 9.62 -6.97 18.26
CA LEU B 23 9.41 -7.36 19.65
C LEU B 23 10.75 -7.77 20.26
N PRO B 24 11.10 -7.27 21.46
CA PRO B 24 12.45 -7.55 21.98
C PRO B 24 12.61 -9.00 22.44
N VAL B 25 12.90 -9.87 21.49
CA VAL B 25 13.25 -11.26 21.74
C VAL B 25 14.23 -11.68 20.64
N ALA B 26 15.23 -12.48 21.00
CA ALA B 26 16.37 -12.78 20.12
C ALA B 26 16.44 -14.29 19.94
N LEU B 27 15.90 -14.79 18.82
CA LEU B 27 15.77 -16.23 18.59
C LEU B 27 17.00 -16.79 17.89
N GLU B 28 17.38 -18.02 18.23
CA GLU B 28 18.48 -18.70 17.57
C GLU B 28 18.11 -20.08 17.02
N ARG B 29 16.98 -20.65 17.42
CA ARG B 29 16.59 -21.96 16.90
C ARG B 29 15.07 -22.02 16.80
N GLY B 30 14.59 -22.84 15.87
CA GLY B 30 13.17 -23.10 15.74
C GLY B 30 12.94 -24.46 15.13
N LYS B 31 11.85 -25.09 15.56
CA LYS B 31 11.48 -26.40 14.99
C LYS B 31 9.99 -26.60 15.23
N GLY B 32 9.23 -26.81 14.17
CA GLY B 32 7.79 -26.96 14.32
C GLY B 32 7.15 -25.67 14.80
N ILE B 33 6.35 -25.77 15.86
CA ILE B 33 5.66 -24.61 16.41
C ILE B 33 6.51 -23.81 17.39
N TYR B 34 7.74 -24.23 17.68
CA TYR B 34 8.52 -23.66 18.76
C TYR B 34 9.73 -22.87 18.27
N LEU B 35 10.05 -21.80 19.02
CA LEU B 35 11.27 -21.03 18.85
C LEU B 35 12.03 -20.97 20.19
N TRP B 36 13.36 -20.93 20.11
CA TRP B 36 14.21 -20.77 21.29
C TRP B 36 15.05 -19.52 21.16
N ASP B 37 15.14 -18.73 22.23
CA ASP B 37 16.00 -17.56 22.22
C ASP B 37 17.40 -17.92 22.73
N VAL B 38 18.31 -16.94 22.72
CA VAL B 38 19.70 -17.22 23.01
C VAL B 38 19.92 -17.51 24.49
N GLU B 39 18.99 -17.11 25.36
CA GLU B 39 19.01 -17.52 26.76
C GLU B 39 18.46 -18.92 26.96
N GLY B 40 17.97 -19.58 25.91
CA GLY B 40 17.42 -20.92 26.00
C GLY B 40 15.93 -20.99 26.28
N ARG B 41 15.25 -19.86 26.45
CA ARG B 41 13.82 -19.90 26.71
C ARG B 41 13.06 -20.38 25.47
N LYS B 42 11.97 -21.10 25.72
CA LYS B 42 11.16 -21.73 24.67
C LYS B 42 9.83 -20.99 24.50
N TYR B 43 9.41 -20.79 23.26
CA TYR B 43 8.20 -20.02 22.98
C TYR B 43 7.35 -20.72 21.94
N PHE B 44 6.03 -20.65 22.13
CA PHE B 44 5.10 -20.89 21.03
C PHE B 44 5.22 -19.76 20.02
N ASP B 45 5.37 -20.12 18.75
CA ASP B 45 5.38 -19.13 17.67
C ASP B 45 3.95 -18.94 17.17
N PHE B 46 3.34 -17.80 17.49
CA PHE B 46 1.99 -17.50 17.02
C PHE B 46 1.99 -16.43 15.93
N LEU B 47 3.10 -16.31 15.22
CA LEU B 47 3.19 -15.45 14.05
C LEU B 47 3.56 -16.23 12.79
N SER B 48 4.29 -17.33 12.92
CA SER B 48 4.69 -18.19 11.80
C SER B 48 5.41 -17.39 10.72
N SER B 49 6.20 -16.40 11.14
CA SER B 49 6.94 -15.56 10.21
C SER B 49 6.01 -14.96 9.15
N TYR B 50 4.87 -14.45 9.61
CA TYR B 50 3.85 -13.85 8.74
C TYR B 50 3.24 -14.90 7.80
N SER B 51 3.09 -16.11 8.32
CA SER B 51 2.53 -17.25 7.58
CA SER B 51 2.54 -17.26 7.60
C SER B 51 3.48 -17.79 6.51
N ALA B 52 4.78 -17.58 6.67
CA ALA B 52 5.75 -18.24 5.79
C ALA B 52 6.19 -19.62 6.29
N VAL B 53 6.06 -19.90 7.59
CA VAL B 53 6.39 -21.24 8.09
C VAL B 53 5.09 -21.95 8.47
N ASN B 54 4.14 -21.98 7.52
CA ASN B 54 2.93 -22.78 7.71
C ASN B 54 3.26 -24.22 8.11
N GLN B 55 4.31 -24.79 7.51
CA GLN B 55 4.79 -26.16 7.73
C GLN B 55 5.58 -26.33 9.02
N GLY B 56 5.73 -25.28 9.81
CA GLY B 56 6.59 -25.30 10.96
C GLY B 56 8.03 -24.98 10.59
N HIS B 57 8.79 -24.53 11.60
CA HIS B 57 10.18 -24.17 11.36
C HIS B 57 10.99 -25.41 11.02
N CYS B 58 11.82 -25.30 9.99
CA CYS B 58 12.81 -26.32 9.65
C CYS B 58 12.16 -27.70 9.45
N HIS B 59 11.11 -27.72 8.63
CA HIS B 59 10.44 -28.99 8.36
C HIS B 59 11.43 -29.96 7.71
N PRO B 60 11.61 -31.17 8.27
CA PRO B 60 12.68 -32.05 7.77
C PRO B 60 12.56 -32.37 6.28
N LYS B 61 11.35 -32.47 5.74
CA LYS B 61 11.22 -32.81 4.32
C LYS B 61 11.69 -31.66 3.44
N ILE B 62 11.42 -30.42 3.86
CA ILE B 62 11.87 -29.28 3.07
C ILE B 62 13.38 -29.10 3.22
N VAL B 63 13.90 -29.27 4.45
CA VAL B 63 15.33 -29.21 4.68
C VAL B 63 16.05 -30.23 3.81
N ASN B 64 15.52 -31.45 3.74
CA ASN B 64 16.17 -32.51 2.95
C ASN B 64 16.22 -32.13 1.48
N ALA B 65 15.14 -31.52 0.96
CA ALA B 65 15.15 -31.12 -0.43
C ALA B 65 16.22 -30.05 -0.68
N LEU B 66 16.36 -29.11 0.26
CA LEU B 66 17.35 -28.06 0.11
C LEU B 66 18.76 -28.65 0.17
N LYS B 67 19.01 -29.51 1.15
CA LYS B 67 20.35 -30.08 1.31
C LYS B 67 20.73 -30.94 0.12
N SER B 68 19.76 -31.66 -0.45
CA SER B 68 20.08 -32.52 -1.59
C SER B 68 20.43 -31.70 -2.82
N GLN B 69 19.68 -30.64 -3.09
CA GLN B 69 19.91 -29.84 -4.29
C GLN B 69 21.12 -28.91 -4.15
N VAL B 70 21.42 -28.43 -2.94
CA VAL B 70 22.50 -27.46 -2.78
C VAL B 70 23.84 -28.06 -3.18
N ASP B 71 23.97 -29.39 -3.13
CA ASP B 71 25.17 -30.10 -3.57
C ASP B 71 25.29 -30.18 -5.09
N LYS B 72 24.18 -30.01 -5.82
CA LYS B 72 24.14 -30.29 -7.26
C LYS B 72 24.29 -29.04 -8.12
N LEU B 73 23.38 -28.07 -7.93
CA LEU B 73 23.25 -26.92 -8.80
C LEU B 73 22.29 -25.96 -8.12
N THR B 74 22.66 -24.69 -7.98
CA THR B 74 21.79 -23.73 -7.31
C THR B 74 21.30 -22.59 -8.19
N LEU B 75 22.04 -22.24 -9.24
CA LEU B 75 21.67 -21.07 -10.03
C LEU B 75 22.42 -21.13 -11.36
N THR B 76 21.67 -21.28 -12.45
CA THR B 76 22.23 -21.13 -13.79
C THR B 76 21.92 -19.78 -14.39
N SER B 77 20.98 -19.04 -13.80
CA SER B 77 20.28 -17.92 -14.45
C SER B 77 19.44 -18.44 -15.60
N ARG B 78 18.49 -17.62 -16.05
CA ARG B 78 17.53 -18.01 -17.07
C ARG B 78 18.09 -17.93 -18.48
N ALA B 79 19.37 -17.59 -18.62
CA ALA B 79 20.05 -17.68 -19.91
C ALA B 79 20.17 -19.12 -20.39
N PHE B 80 20.09 -20.09 -19.48
CA PHE B 80 20.12 -21.51 -19.81
C PHE B 80 18.95 -22.19 -19.12
N TYR B 81 18.70 -23.45 -19.49
CA TYR B 81 17.71 -24.23 -18.78
C TYR B 81 18.36 -25.00 -17.64
N ASN B 82 17.62 -25.16 -16.56
CA ASN B 82 17.96 -26.14 -15.55
C ASN B 82 16.90 -27.25 -15.55
N ASN B 83 17.28 -28.41 -15.03
CA ASN B 83 16.42 -29.58 -15.13
C ASN B 83 15.27 -29.56 -14.13
N VAL B 84 15.28 -28.67 -13.14
CA VAL B 84 14.30 -28.73 -12.05
C VAL B 84 13.07 -27.86 -12.33
N LEU B 85 13.26 -26.70 -12.98
CA LEU B 85 12.18 -25.71 -13.08
C LEU B 85 10.91 -26.30 -13.68
N GLY B 86 11.04 -27.05 -14.78
CA GLY B 86 9.86 -27.58 -15.45
C GLY B 86 9.12 -28.63 -14.65
N GLU B 87 9.85 -29.40 -13.84
CA GLU B 87 9.19 -30.33 -12.92
C GLU B 87 8.33 -29.58 -11.92
N TYR B 88 8.85 -28.46 -11.39
CA TYR B 88 8.08 -27.62 -10.49
C TYR B 88 6.92 -26.95 -11.22
N GLU B 89 7.17 -26.40 -12.42
CA GLU B 89 6.08 -25.75 -13.16
C GLU B 89 4.95 -26.71 -13.44
N GLU B 90 5.27 -27.95 -13.82
CA GLU B 90 4.21 -28.93 -14.06
C GLU B 90 3.47 -29.26 -12.77
N TYR B 91 4.21 -29.41 -11.67
CA TYR B 91 3.61 -29.74 -10.38
C TYR B 91 2.64 -28.65 -9.91
N ILE B 92 3.08 -27.40 -9.91
CA ILE B 92 2.23 -26.37 -9.30
C ILE B 92 1.06 -25.99 -10.21
N THR B 93 1.23 -26.05 -11.53
CA THR B 93 0.10 -25.70 -12.40
C THR B 93 -0.98 -26.76 -12.31
N LYS B 94 -0.60 -28.04 -12.17
CA LYS B 94 -1.62 -29.07 -12.05
C LYS B 94 -2.29 -29.02 -10.69
N LEU B 95 -1.54 -28.66 -9.65
CA LEU B 95 -2.11 -28.55 -8.31
C LEU B 95 -3.19 -27.46 -8.25
N PHE B 96 -2.92 -26.28 -8.80
CA PHE B 96 -3.87 -25.17 -8.75
C PHE B 96 -4.73 -25.04 -9.99
N ASN B 97 -4.49 -25.86 -11.01
CA ASN B 97 -5.32 -25.93 -12.22
C ASN B 97 -5.35 -24.60 -12.99
N TYR B 98 -4.15 -24.14 -13.35
CA TYR B 98 -3.96 -23.06 -14.29
C TYR B 98 -2.99 -23.56 -15.34
N HIS B 99 -3.00 -22.93 -16.52
CA HIS B 99 -2.11 -23.36 -17.59
C HIS B 99 -0.63 -23.19 -17.21
N LYS B 100 -0.28 -22.06 -16.60
CA LYS B 100 1.12 -21.69 -16.55
C LYS B 100 1.43 -21.00 -15.24
N VAL B 101 2.72 -20.95 -14.93
CA VAL B 101 3.21 -20.23 -13.76
C VAL B 101 4.40 -19.39 -14.17
N LEU B 102 4.51 -18.20 -13.60
CA LEU B 102 5.70 -17.40 -13.78
C LEU B 102 6.43 -17.32 -12.45
N PRO B 103 7.66 -17.83 -12.33
CA PRO B 103 8.31 -17.87 -11.02
C PRO B 103 9.03 -16.57 -10.69
N MET B 104 8.87 -16.13 -9.45
N MET B 104 8.89 -16.13 -9.44
CA MET B 104 9.61 -14.97 -8.94
CA MET B 104 9.62 -14.98 -8.94
C MET B 104 10.22 -15.34 -7.59
C MET B 104 10.13 -15.33 -7.54
N ASN B 105 10.73 -14.35 -6.86
CA ASN B 105 11.33 -14.63 -5.54
C ASN B 105 10.50 -14.11 -4.37
N THR B 106 10.10 -12.86 -4.39
CA THR B 106 9.41 -12.28 -3.26
C THR B 106 7.97 -11.98 -3.62
N GLY B 107 7.15 -11.77 -2.59
CA GLY B 107 5.73 -11.51 -2.82
C GLY B 107 5.50 -10.26 -3.64
N VAL B 108 6.26 -9.20 -3.37
CA VAL B 108 6.05 -7.96 -4.10
C VAL B 108 6.45 -8.14 -5.56
N GLU B 109 7.47 -8.97 -5.85
CA GLU B 109 7.79 -9.25 -7.25
C GLU B 109 6.63 -9.95 -7.95
N ALA B 110 5.95 -10.85 -7.26
CA ALA B 110 4.78 -11.50 -7.85
C ALA B 110 3.68 -10.49 -8.13
N GLY B 111 3.47 -9.54 -7.21
CA GLY B 111 2.43 -8.53 -7.45
C GLY B 111 2.80 -7.59 -8.58
N GLU B 112 4.07 -7.19 -8.65
CA GLU B 112 4.56 -6.37 -9.77
C GLU B 112 4.33 -7.11 -11.08
N THR B 113 4.63 -8.42 -11.09
CA THR B 113 4.42 -9.21 -12.30
C THR B 113 2.94 -9.22 -12.69
N ALA B 114 2.05 -9.37 -11.70
CA ALA B 114 0.62 -9.40 -12.01
C ALA B 114 0.16 -8.06 -12.58
N CYS B 115 0.68 -6.93 -12.07
CA CYS B 115 0.27 -5.63 -12.60
C CYS B 115 0.75 -5.47 -14.04
N LYS B 116 1.95 -5.98 -14.34
CA LYS B 116 2.47 -5.90 -15.70
C LYS B 116 1.66 -6.78 -16.65
N LEU B 117 1.31 -8.00 -16.21
CA LEU B 117 0.44 -8.85 -17.00
C LEU B 117 -0.91 -8.20 -17.25
N ALA B 118 -1.49 -7.61 -16.19
CA ALA B 118 -2.81 -6.99 -16.32
C ALA B 118 -2.76 -5.83 -17.32
N ARG B 119 -1.74 -4.99 -17.23
CA ARG B 119 -1.61 -3.88 -18.16
C ARG B 119 -1.40 -4.39 -19.58
N LYS B 120 -0.48 -5.35 -19.75
CA LYS B 120 -0.16 -5.86 -21.08
C LYS B 120 -1.38 -6.52 -21.71
N TRP B 121 -2.11 -7.31 -20.92
CA TRP B 121 -3.36 -7.89 -21.41
C TRP B 121 -4.37 -6.79 -21.70
N GLY B 122 -4.43 -5.77 -20.83
CA GLY B 122 -5.35 -4.67 -21.06
C GLY B 122 -5.09 -3.96 -22.37
N TYR B 123 -3.83 -3.74 -22.72
CA TYR B 123 -3.56 -3.03 -23.97
C TYR B 123 -3.61 -3.96 -25.19
N THR B 124 -3.10 -5.19 -25.08
CA THR B 124 -2.96 -6.02 -26.26
C THR B 124 -4.13 -6.97 -26.49
N VAL B 125 -4.99 -7.20 -25.50
CA VAL B 125 -6.10 -8.12 -25.67
C VAL B 125 -7.40 -7.35 -25.49
N LYS B 126 -7.56 -6.71 -24.35
CA LYS B 126 -8.81 -5.97 -24.12
C LYS B 126 -8.93 -4.78 -25.07
N GLY B 127 -7.80 -4.15 -25.41
CA GLY B 127 -7.80 -3.06 -26.37
C GLY B 127 -7.76 -1.68 -25.77
N ILE B 128 -7.42 -1.54 -24.50
CA ILE B 128 -7.31 -0.23 -23.88
C ILE B 128 -6.24 0.59 -24.58
N GLN B 129 -6.50 1.87 -24.71
CA GLN B 129 -5.52 2.79 -25.28
C GLN B 129 -4.32 2.94 -24.35
N LYS B 130 -3.11 2.83 -24.91
CA LYS B 130 -1.89 3.11 -24.15
C LYS B 130 -1.80 4.61 -23.86
N TYR B 131 -1.45 5.01 -22.62
CA TYR B 131 -1.24 4.15 -21.46
C TYR B 131 -2.31 4.48 -20.41
N LYS B 132 -3.57 4.19 -20.75
CA LYS B 132 -4.70 4.58 -19.93
C LYS B 132 -5.20 3.47 -19.00
N ALA B 133 -4.49 2.35 -18.92
CA ALA B 133 -4.98 1.22 -18.16
C ALA B 133 -5.01 1.53 -16.67
N LYS B 134 -6.05 1.06 -15.98
N LYS B 134 -6.07 1.08 -15.99
CA LYS B 134 -6.17 1.24 -14.54
CA LYS B 134 -6.19 1.22 -14.56
C LYS B 134 -6.25 -0.12 -13.86
C LYS B 134 -6.17 -0.15 -13.89
N ILE B 135 -5.67 -0.19 -12.66
CA ILE B 135 -5.84 -1.34 -11.79
C ILE B 135 -6.50 -0.84 -10.51
N VAL B 136 -7.55 -1.51 -10.09
CA VAL B 136 -8.31 -1.10 -8.93
C VAL B 136 -7.83 -1.94 -7.75
N PHE B 137 -7.68 -1.31 -6.59
CA PHE B 137 -7.28 -1.97 -5.36
C PHE B 137 -8.30 -1.66 -4.27
N ALA B 138 -8.28 -2.44 -3.20
CA ALA B 138 -9.15 -2.21 -2.06
C ALA B 138 -8.36 -1.47 -0.98
N ALA B 139 -9.00 -0.45 -0.38
CA ALA B 139 -8.41 0.21 0.78
C ALA B 139 -8.02 -0.82 1.84
N GLY B 140 -6.88 -0.59 2.48
CA GLY B 140 -6.31 -1.55 3.40
C GLY B 140 -5.38 -2.56 2.77
N ASN B 141 -5.25 -2.56 1.43
CA ASN B 141 -4.42 -3.55 0.76
C ASN B 141 -2.98 -3.43 1.21
N PHE B 142 -2.30 -4.55 1.20
CA PHE B 142 -0.85 -4.59 1.33
C PHE B 142 -0.31 -5.63 0.36
N TRP B 143 0.55 -5.22 -0.57
CA TRP B 143 1.22 -6.22 -1.38
C TRP B 143 2.72 -5.95 -1.53
N GLY B 144 3.33 -5.21 -0.59
CA GLY B 144 4.78 -5.06 -0.57
C GLY B 144 5.19 -3.60 -0.49
N ARG B 145 6.49 -3.36 -0.75
CA ARG B 145 7.13 -2.08 -0.43
C ARG B 145 7.82 -1.42 -1.61
N THR B 146 7.64 -1.91 -2.83
CA THR B 146 8.16 -1.17 -3.98
C THR B 146 7.41 0.16 -4.13
N LEU B 147 7.95 1.04 -4.98
CA LEU B 147 7.28 2.32 -5.23
C LEU B 147 5.87 2.09 -5.78
N SER B 148 5.71 1.09 -6.63
CA SER B 148 4.39 0.78 -7.17
C SER B 148 3.45 0.26 -6.09
N ALA B 149 3.93 -0.66 -5.25
CA ALA B 149 3.07 -1.25 -4.23
C ALA B 149 2.58 -0.21 -3.23
N ILE B 150 3.45 0.72 -2.82
CA ILE B 150 3.01 1.73 -1.84
C ILE B 150 2.13 2.78 -2.50
N SER B 151 2.15 2.86 -3.82
CA SER B 151 1.31 3.82 -4.52
C SER B 151 -0.18 3.46 -4.40
N SER B 152 -0.50 2.19 -4.17
CA SER B 152 -1.88 1.76 -4.00
C SER B 152 -2.28 1.67 -2.54
N SER B 153 -1.34 1.91 -1.63
CA SER B 153 -1.62 1.76 -0.21
C SER B 153 -2.46 2.94 0.31
N THR B 154 -3.32 2.65 1.29
CA THR B 154 -3.99 3.71 2.04
C THR B 154 -3.37 3.92 3.41
N ASP B 155 -2.24 3.27 3.70
CA ASP B 155 -1.57 3.42 4.99
C ASP B 155 -0.45 4.44 4.85
N PRO B 156 -0.58 5.63 5.46
CA PRO B 156 0.47 6.66 5.29
C PRO B 156 1.86 6.21 5.72
N THR B 157 1.99 5.31 6.69
CA THR B 157 3.32 4.82 7.04
CA THR B 157 3.31 4.81 7.04
C THR B 157 3.99 4.15 5.84
N SER B 158 3.20 3.57 4.93
N SER B 158 3.20 3.58 4.93
CA SER B 158 3.78 2.92 3.75
CA SER B 158 3.75 2.92 3.75
C SER B 158 4.22 3.93 2.69
C SER B 158 4.20 3.92 2.68
N TYR B 159 3.43 4.98 2.44
CA TYR B 159 3.71 5.84 1.30
C TYR B 159 4.22 7.24 1.62
N ASP B 160 3.99 7.76 2.83
CA ASP B 160 4.29 9.17 3.08
C ASP B 160 5.81 9.38 2.99
N GLY B 161 6.20 10.39 2.20
CA GLY B 161 7.60 10.69 2.00
C GLY B 161 8.28 9.93 0.88
N PHE B 162 7.55 9.08 0.15
CA PHE B 162 8.18 8.23 -0.85
C PHE B 162 7.69 8.49 -2.27
N GLY B 163 6.84 9.51 -2.49
CA GLY B 163 6.37 9.83 -3.82
C GLY B 163 7.40 10.62 -4.61
N PRO B 164 7.02 11.03 -5.83
CA PRO B 164 5.68 10.92 -6.44
C PRO B 164 5.28 9.48 -6.82
N PHE B 165 3.99 9.26 -7.00
CA PHE B 165 3.46 7.90 -6.98
C PHE B 165 3.10 7.41 -8.38
N MET B 166 3.03 6.09 -8.50
CA MET B 166 2.69 5.49 -9.79
C MET B 166 1.25 5.83 -10.19
N PRO B 167 1.03 6.38 -11.39
CA PRO B 167 -0.35 6.62 -11.85
C PRO B 167 -1.06 5.33 -12.27
N GLY B 168 -2.38 5.45 -12.41
CA GLY B 168 -3.19 4.35 -12.91
C GLY B 168 -3.65 3.36 -11.86
N PHE B 169 -3.53 3.68 -10.59
CA PHE B 169 -4.03 2.83 -9.51
C PHE B 169 -5.23 3.53 -8.86
N ASP B 170 -6.37 2.85 -8.80
CA ASP B 170 -7.57 3.39 -8.15
C ASP B 170 -7.88 2.57 -6.91
N ILE B 171 -8.48 3.22 -5.91
CA ILE B 171 -8.73 2.62 -4.60
CA ILE B 171 -8.74 2.59 -4.62
C ILE B 171 -10.22 2.70 -4.31
N ILE B 172 -10.83 1.58 -3.92
CA ILE B 172 -12.22 1.50 -3.48
C ILE B 172 -12.24 0.84 -2.11
N PRO B 173 -13.33 0.96 -1.36
CA PRO B 173 -13.38 0.24 -0.08
C PRO B 173 -13.37 -1.26 -0.28
N TYR B 174 -12.79 -1.95 0.70
CA TYR B 174 -12.84 -3.41 0.76
C TYR B 174 -14.26 -3.87 1.09
N ASN B 175 -14.57 -5.10 0.69
CA ASN B 175 -15.82 -5.78 1.11
C ASN B 175 -17.05 -4.95 0.71
N ASP B 176 -17.00 -4.42 -0.51
CA ASP B 176 -17.97 -3.39 -0.97
C ASP B 176 -18.25 -3.67 -2.45
N LEU B 177 -19.28 -4.49 -2.72
CA LEU B 177 -19.59 -4.82 -4.09
C LEU B 177 -20.21 -3.66 -4.87
N PRO B 178 -21.08 -2.84 -4.27
CA PRO B 178 -21.53 -1.63 -5.00
C PRO B 178 -20.39 -0.73 -5.45
N ALA B 179 -19.36 -0.58 -4.61
CA ALA B 179 -18.22 0.26 -4.98
C ALA B 179 -17.45 -0.35 -6.15
N LEU B 180 -17.28 -1.68 -6.15
CA LEU B 180 -16.61 -2.32 -7.27
C LEU B 180 -17.40 -2.16 -8.56
N GLU B 181 -18.72 -2.38 -8.48
CA GLU B 181 -19.57 -2.19 -9.65
C GLU B 181 -19.46 -0.77 -10.19
N ARG B 182 -19.40 0.23 -9.30
CA ARG B 182 -19.25 1.61 -9.77
C ARG B 182 -17.87 1.83 -10.40
N ALA B 183 -16.80 1.27 -9.79
CA ALA B 183 -15.46 1.43 -10.34
C ALA B 183 -15.31 0.78 -11.71
N LEU B 184 -15.98 -0.35 -11.94
CA LEU B 184 -15.78 -1.08 -13.17
C LEU B 184 -16.58 -0.52 -14.33
N GLN B 185 -17.31 0.59 -14.12
CA GLN B 185 -17.91 1.27 -15.25
C GLN B 185 -16.86 1.86 -16.18
N ASP B 186 -15.64 2.11 -15.68
CA ASP B 186 -14.60 2.69 -16.51
C ASP B 186 -14.01 1.60 -17.39
N PRO B 187 -14.18 1.68 -18.72
CA PRO B 187 -13.66 0.62 -19.60
C PRO B 187 -12.14 0.54 -19.60
N ASN B 188 -11.45 1.53 -19.04
CA ASN B 188 -10.00 1.48 -18.97
C ASN B 188 -9.48 0.64 -17.81
N VAL B 189 -10.36 0.09 -16.97
CA VAL B 189 -9.88 -0.78 -15.90
C VAL B 189 -9.49 -2.12 -16.49
N ALA B 190 -8.25 -2.54 -16.23
CA ALA B 190 -7.78 -3.85 -16.70
C ALA B 190 -7.94 -4.94 -15.65
N ALA B 191 -7.89 -4.57 -14.36
CA ALA B 191 -7.82 -5.59 -13.32
C ALA B 191 -8.29 -5.01 -12.00
N PHE B 192 -8.79 -5.90 -11.14
CA PHE B 192 -9.05 -5.65 -9.73
C PHE B 192 -8.17 -6.61 -8.95
N MET B 193 -7.32 -6.09 -8.08
CA MET B 193 -6.43 -6.93 -7.28
C MET B 193 -6.90 -6.84 -5.84
N VAL B 194 -7.07 -8.00 -5.19
CA VAL B 194 -7.68 -8.04 -3.86
C VAL B 194 -7.21 -9.26 -3.09
N GLU B 195 -7.08 -9.10 -1.78
CA GLU B 195 -6.79 -10.19 -0.85
C GLU B 195 -8.09 -10.81 -0.39
N PRO B 196 -8.24 -12.14 -0.40
CA PRO B 196 -9.51 -12.74 0.09
C PRO B 196 -9.75 -12.46 1.58
N ILE B 197 -8.69 -12.28 2.35
CA ILE B 197 -8.71 -11.76 3.70
C ILE B 197 -7.56 -10.77 3.78
N GLN B 198 -7.81 -9.57 4.29
CA GLN B 198 -6.72 -8.59 4.42
C GLN B 198 -5.97 -8.87 5.73
N GLY B 199 -4.76 -9.40 5.61
CA GLY B 199 -3.96 -9.77 6.76
C GLY B 199 -3.30 -8.59 7.45
N GLU B 200 -2.50 -7.82 6.71
CA GLU B 200 -1.81 -6.68 7.30
CA GLU B 200 -1.81 -6.69 7.32
C GLU B 200 -2.79 -5.67 7.88
N ALA B 201 -3.96 -5.52 7.27
CA ALA B 201 -4.95 -4.57 7.78
C ALA B 201 -5.58 -5.02 9.10
N GLY B 202 -5.18 -6.17 9.65
CA GLY B 202 -5.75 -6.65 10.90
C GLY B 202 -6.69 -7.83 10.75
N VAL B 203 -6.42 -8.70 9.77
CA VAL B 203 -7.23 -9.89 9.50
C VAL B 203 -8.68 -9.47 9.28
N VAL B 204 -8.90 -8.71 8.21
CA VAL B 204 -10.24 -8.22 7.87
C VAL B 204 -10.88 -9.25 6.94
N VAL B 205 -11.93 -9.92 7.43
CA VAL B 205 -12.61 -10.99 6.70
C VAL B 205 -13.84 -10.40 6.02
N PRO B 206 -13.95 -10.49 4.70
CA PRO B 206 -15.12 -9.89 4.04
C PRO B 206 -16.35 -10.78 4.22
N ASP B 207 -17.51 -10.18 3.98
CA ASP B 207 -18.76 -10.88 4.21
C ASP B 207 -18.91 -12.06 3.24
N PRO B 208 -19.61 -13.12 3.67
CA PRO B 208 -19.91 -14.22 2.73
C PRO B 208 -20.57 -13.71 1.45
N GLY B 209 -20.14 -14.28 0.32
CA GLY B 209 -20.59 -13.83 -0.98
C GLY B 209 -19.76 -12.72 -1.62
N TYR B 210 -18.81 -12.12 -0.89
CA TYR B 210 -18.03 -11.03 -1.50
C TYR B 210 -17.24 -11.54 -2.68
N LEU B 211 -16.54 -12.67 -2.50
CA LEU B 211 -15.66 -13.18 -3.55
C LEU B 211 -16.44 -13.65 -4.77
N MET B 212 -17.61 -14.27 -4.55
N MET B 212 -17.62 -14.24 -4.56
CA MET B 212 -18.48 -14.60 -5.67
CA MET B 212 -18.45 -14.59 -5.71
C MET B 212 -18.89 -13.33 -6.43
C MET B 212 -18.94 -13.34 -6.44
N GLY B 213 -19.27 -12.29 -5.69
CA GLY B 213 -19.67 -11.05 -6.33
C GLY B 213 -18.54 -10.39 -7.10
N VAL B 214 -17.32 -10.48 -6.55
CA VAL B 214 -16.16 -9.96 -7.25
C VAL B 214 -15.98 -10.70 -8.57
N ARG B 215 -16.05 -12.04 -8.53
CA ARG B 215 -15.85 -12.82 -9.74
C ARG B 215 -16.91 -12.48 -10.78
N GLU B 216 -18.16 -12.33 -10.34
CA GLU B 216 -19.27 -12.00 -11.24
C GLU B 216 -19.07 -10.65 -11.92
N LEU B 217 -18.74 -9.62 -11.13
CA LEU B 217 -18.55 -8.28 -11.67
C LEU B 217 -17.33 -8.20 -12.58
N CYS B 218 -16.23 -8.88 -12.21
CA CYS B 218 -15.05 -8.86 -13.07
C CYS B 218 -15.35 -9.52 -14.41
N THR B 219 -16.03 -10.67 -14.40
CA THR B 219 -16.40 -11.32 -15.65
C THR B 219 -17.33 -10.44 -16.49
N ARG B 220 -18.36 -9.88 -15.86
CA ARG B 220 -19.34 -9.08 -16.59
C ARG B 220 -18.69 -7.91 -17.31
N HIS B 221 -17.67 -7.29 -16.70
CA HIS B 221 -17.06 -6.09 -17.26
C HIS B 221 -15.71 -6.35 -17.93
N GLN B 222 -15.36 -7.62 -18.17
CA GLN B 222 -14.11 -8.00 -18.82
C GLN B 222 -12.91 -7.37 -18.11
N VAL B 223 -12.81 -7.67 -16.83
CA VAL B 223 -11.78 -7.16 -15.94
C VAL B 223 -11.12 -8.39 -15.30
N LEU B 224 -9.78 -8.36 -15.19
CA LEU B 224 -9.10 -9.49 -14.57
C LEU B 224 -9.27 -9.44 -13.05
N PHE B 225 -9.60 -10.59 -12.47
CA PHE B 225 -9.72 -10.74 -11.02
C PHE B 225 -8.37 -11.31 -10.56
N ILE B 226 -7.56 -10.47 -9.92
CA ILE B 226 -6.28 -10.91 -9.37
C ILE B 226 -6.46 -11.16 -7.88
N ALA B 227 -6.23 -12.42 -7.46
CA ALA B 227 -6.34 -12.79 -6.06
C ALA B 227 -4.93 -12.88 -5.48
N ASP B 228 -4.65 -12.03 -4.50
CA ASP B 228 -3.37 -12.05 -3.80
C ASP B 228 -3.52 -13.03 -2.65
N GLU B 229 -2.97 -14.23 -2.83
CA GLU B 229 -3.02 -15.27 -1.82
C GLU B 229 -1.65 -15.52 -1.18
N ILE B 230 -0.76 -14.52 -1.23
CA ILE B 230 0.59 -14.68 -0.70
C ILE B 230 0.56 -14.94 0.80
N GLN B 231 -0.42 -14.38 1.50
CA GLN B 231 -0.59 -14.64 2.92
CA GLN B 231 -0.61 -14.62 2.93
C GLN B 231 -1.72 -15.62 3.23
N THR B 232 -2.82 -15.58 2.49
CA THR B 232 -3.97 -16.42 2.83
C THR B 232 -3.91 -17.81 2.20
N GLY B 233 -3.08 -18.02 1.19
CA GLY B 233 -3.06 -19.29 0.51
C GLY B 233 -2.37 -20.37 1.32
N LEU B 234 -2.24 -21.54 0.68
CA LEU B 234 -1.38 -22.61 1.18
C LEU B 234 -1.78 -23.08 2.59
N ALA B 235 -3.07 -23.37 2.77
CA ALA B 235 -3.66 -24.03 3.92
C ALA B 235 -3.83 -23.13 5.14
N ARG B 236 -3.26 -21.91 5.14
CA ARG B 236 -3.32 -21.04 6.33
C ARG B 236 -4.76 -20.79 6.79
N THR B 237 -5.68 -20.56 5.86
CA THR B 237 -7.06 -20.30 6.25
C THR B 237 -7.92 -21.55 6.22
N GLY B 238 -7.35 -22.72 5.93
CA GLY B 238 -8.08 -23.97 5.88
C GLY B 238 -8.38 -24.51 4.48
N ARG B 239 -7.80 -23.92 3.44
CA ARG B 239 -7.96 -24.37 2.06
C ARG B 239 -6.66 -24.11 1.33
N TRP B 240 -6.50 -24.76 0.16
CA TRP B 240 -5.36 -24.45 -0.70
C TRP B 240 -5.30 -22.97 -1.03
N LEU B 241 -6.45 -22.38 -1.34
CA LEU B 241 -6.60 -20.94 -1.54
C LEU B 241 -7.80 -20.46 -0.75
N ALA B 242 -7.69 -19.30 -0.15
CA ALA B 242 -8.85 -18.73 0.57
C ALA B 242 -10.05 -18.52 -0.34
N VAL B 243 -9.82 -18.30 -1.64
CA VAL B 243 -10.96 -18.16 -2.55
C VAL B 243 -11.75 -19.46 -2.72
N ASP B 244 -11.16 -20.60 -2.31
CA ASP B 244 -11.89 -21.87 -2.36
C ASP B 244 -13.13 -21.90 -1.46
N TYR B 245 -13.17 -21.08 -0.40
CA TYR B 245 -14.35 -21.03 0.45
C TYR B 245 -15.61 -20.65 -0.33
N GLU B 246 -15.46 -19.84 -1.38
CA GLU B 246 -16.58 -19.48 -2.24
C GLU B 246 -16.50 -20.14 -3.60
N ASN B 247 -15.53 -21.03 -3.81
CA ASN B 247 -15.36 -21.79 -5.05
C ASN B 247 -15.38 -20.87 -6.27
N VAL B 248 -14.55 -19.83 -6.22
CA VAL B 248 -14.40 -18.93 -7.37
C VAL B 248 -12.99 -19.07 -7.91
N ARG B 249 -12.86 -18.85 -9.21
CA ARG B 249 -11.59 -19.00 -9.91
C ARG B 249 -11.09 -17.63 -10.37
N PRO B 250 -10.11 -17.05 -9.69
CA PRO B 250 -9.51 -15.79 -10.17
C PRO B 250 -8.83 -16.00 -11.52
N ASP B 251 -8.63 -14.90 -12.23
CA ASP B 251 -7.84 -14.94 -13.46
C ASP B 251 -6.35 -15.06 -13.19
N ILE B 252 -5.87 -14.45 -12.10
CA ILE B 252 -4.47 -14.53 -11.71
C ILE B 252 -4.44 -14.79 -10.21
N VAL B 253 -3.60 -15.75 -9.78
CA VAL B 253 -3.37 -16.03 -8.38
C VAL B 253 -1.91 -15.76 -8.05
N LEU B 254 -1.68 -15.08 -6.92
CA LEU B 254 -0.34 -14.81 -6.41
C LEU B 254 -0.08 -15.69 -5.19
N LEU B 255 1.06 -16.40 -5.19
CA LEU B 255 1.50 -17.21 -4.07
C LEU B 255 2.89 -16.75 -3.66
N GLY B 256 3.20 -16.93 -2.38
CA GLY B 256 4.46 -16.48 -1.84
C GLY B 256 4.69 -17.07 -0.46
N LYS B 257 5.48 -16.41 0.38
CA LYS B 257 5.69 -16.76 1.77
C LYS B 257 5.83 -18.27 2.05
N ALA B 258 4.74 -18.98 2.38
CA ALA B 258 4.82 -20.41 2.74
C ALA B 258 5.07 -21.32 1.56
N LEU B 259 5.16 -20.78 0.34
CA LEU B 259 5.50 -21.60 -0.81
C LEU B 259 6.85 -22.31 -0.64
N SER B 260 7.71 -21.83 0.25
CA SER B 260 8.98 -22.48 0.54
C SER B 260 9.09 -23.02 1.95
N GLY B 261 8.04 -22.93 2.75
CA GLY B 261 8.19 -23.28 4.17
C GLY B 261 9.20 -22.43 4.92
N GLY B 262 9.54 -21.25 4.40
CA GLY B 262 10.47 -20.36 5.06
C GLY B 262 11.93 -20.62 4.75
N LEU B 263 12.24 -21.54 3.83
CA LEU B 263 13.62 -21.91 3.55
C LEU B 263 14.25 -21.10 2.41
N TYR B 264 13.46 -20.36 1.63
CA TYR B 264 13.97 -19.74 0.42
C TYR B 264 12.93 -18.74 -0.08
N PRO B 265 13.29 -17.54 -0.57
CA PRO B 265 12.26 -16.66 -1.12
C PRO B 265 11.79 -17.17 -2.48
N VAL B 266 10.58 -17.73 -2.51
CA VAL B 266 9.95 -18.23 -3.73
C VAL B 266 8.53 -17.66 -3.81
N SER B 267 8.18 -17.12 -4.97
CA SER B 267 6.81 -16.65 -5.20
C SER B 267 6.40 -17.07 -6.60
N ALA B 268 5.10 -16.97 -6.88
CA ALA B 268 4.59 -17.53 -8.12
C ALA B 268 3.37 -16.73 -8.56
N VAL B 269 3.25 -16.60 -9.88
CA VAL B 269 2.10 -16.00 -10.53
C VAL B 269 1.48 -17.07 -11.43
N LEU B 270 0.23 -17.45 -11.14
CA LEU B 270 -0.49 -18.47 -11.88
C LEU B 270 -1.60 -17.83 -12.70
N CYS B 271 -1.66 -18.19 -14.00
CA CYS B 271 -2.81 -17.81 -14.83
C CYS B 271 -2.81 -18.67 -16.10
N ASP B 272 -3.87 -18.50 -16.90
CA ASP B 272 -4.03 -19.26 -18.13
C ASP B 272 -3.29 -18.59 -19.29
N ASP B 273 -3.24 -19.30 -20.43
CA ASP B 273 -2.45 -18.90 -21.58
C ASP B 273 -2.86 -17.54 -22.13
N ASP B 274 -4.16 -17.26 -22.14
CA ASP B 274 -4.66 -16.01 -22.73
C ASP B 274 -4.09 -14.78 -22.03
N ILE B 275 -3.75 -14.91 -20.75
CA ILE B 275 -3.12 -13.83 -20.00
C ILE B 275 -1.60 -13.98 -20.00
N MET B 276 -1.12 -15.16 -19.63
CA MET B 276 0.31 -15.35 -19.39
C MET B 276 1.13 -15.03 -20.64
N LEU B 277 0.66 -15.44 -21.81
CA LEU B 277 1.46 -15.32 -23.01
C LEU B 277 1.43 -13.92 -23.63
N THR B 278 0.79 -12.94 -22.97
CA THR B 278 0.95 -11.56 -23.42
C THR B 278 2.36 -11.03 -23.19
N ILE B 279 3.13 -11.67 -22.31
CA ILE B 279 4.52 -11.29 -22.04
C ILE B 279 5.42 -12.20 -22.87
N LYS B 280 6.17 -11.58 -23.81
CA LYS B 280 7.03 -12.24 -24.78
C LYS B 280 8.44 -12.40 -24.21
N PRO B 281 9.24 -13.30 -24.77
CA PRO B 281 10.61 -13.48 -24.27
C PRO B 281 11.37 -12.16 -24.23
N GLY B 282 12.08 -11.94 -23.12
CA GLY B 282 12.84 -10.72 -22.94
C GLY B 282 12.09 -9.56 -22.31
N GLU B 283 10.79 -9.71 -22.03
CA GLU B 283 10.00 -8.61 -21.51
C GLU B 283 9.74 -8.69 -20.01
N HIS B 284 10.22 -9.72 -19.33
CA HIS B 284 10.07 -9.78 -17.87
C HIS B 284 10.98 -10.86 -17.32
N GLY B 285 11.45 -10.68 -16.10
CA GLY B 285 12.31 -11.70 -15.51
C GLY B 285 12.94 -11.25 -14.21
N SER B 286 13.95 -12.01 -13.80
CA SER B 286 14.58 -11.90 -12.49
C SER B 286 15.79 -12.83 -12.45
N THR B 287 16.90 -12.37 -11.84
CA THR B 287 18.10 -13.21 -11.80
C THR B 287 17.82 -14.55 -11.12
N TYR B 288 17.22 -14.51 -9.93
CA TYR B 288 17.03 -15.72 -9.13
C TYR B 288 15.69 -16.40 -9.37
N GLY B 289 14.76 -15.75 -10.07
CA GLY B 289 13.48 -16.37 -10.34
C GLY B 289 13.59 -17.72 -11.05
N GLY B 290 12.97 -18.75 -10.47
CA GLY B 290 12.96 -20.07 -11.08
C GLY B 290 14.25 -20.86 -10.93
N ASN B 291 15.12 -20.48 -10.01
CA ASN B 291 16.36 -21.23 -9.83
C ASN B 291 16.07 -22.64 -9.28
N PRO B 292 16.94 -23.60 -9.56
CA PRO B 292 16.63 -25.00 -9.19
C PRO B 292 16.55 -25.23 -7.69
N LEU B 293 17.32 -24.48 -6.89
CA LEU B 293 17.28 -24.68 -5.45
C LEU B 293 15.92 -24.27 -4.88
N GLY B 294 15.44 -23.08 -5.24
CA GLY B 294 14.11 -22.66 -4.81
C GLY B 294 13.00 -23.58 -5.30
N CYS B 295 13.12 -24.10 -6.51
CA CYS B 295 12.10 -25.02 -7.02
C CYS B 295 12.03 -26.31 -6.23
N ARG B 296 13.19 -26.91 -5.93
CA ARG B 296 13.18 -28.14 -5.13
C ARG B 296 12.53 -27.91 -3.78
N VAL B 297 12.85 -26.78 -3.16
CA VAL B 297 12.27 -26.43 -1.86
C VAL B 297 10.76 -26.28 -1.97
N ALA B 298 10.29 -25.57 -3.01
CA ALA B 298 8.86 -25.31 -3.18
C ALA B 298 8.08 -26.59 -3.43
N ILE B 299 8.61 -27.50 -4.26
CA ILE B 299 7.94 -28.79 -4.44
C ILE B 299 7.76 -29.49 -3.10
N ALA B 300 8.82 -29.55 -2.30
CA ALA B 300 8.71 -30.24 -1.02
C ALA B 300 7.78 -29.50 -0.07
N ALA B 301 7.78 -28.17 -0.12
CA ALA B 301 6.91 -27.38 0.75
C ALA B 301 5.45 -27.63 0.43
N LEU B 302 5.12 -27.73 -0.86
CA LEU B 302 3.75 -28.03 -1.27
C LEU B 302 3.37 -29.46 -0.93
N GLU B 303 4.31 -30.39 -1.10
CA GLU B 303 3.99 -31.77 -0.75
C GLU B 303 3.68 -31.92 0.73
N VAL B 304 4.39 -31.19 1.59
CA VAL B 304 4.12 -31.23 3.03
C VAL B 304 2.68 -30.82 3.32
N LEU B 305 2.25 -29.70 2.75
CA LEU B 305 0.88 -29.22 2.99
C LEU B 305 -0.15 -30.27 2.58
N GLU B 306 0.09 -30.93 1.45
CA GLU B 306 -0.82 -31.96 0.97
C GLU B 306 -0.73 -33.23 1.83
N GLU B 307 0.49 -33.74 2.03
CA GLU B 307 0.67 -35.03 2.71
C GLU B 307 0.12 -35.00 4.13
N GLU B 308 0.32 -33.91 4.85
CA GLU B 308 -0.04 -33.83 6.25
C GLU B 308 -1.44 -33.24 6.47
N ASN B 309 -2.19 -32.98 5.39
CA ASN B 309 -3.57 -32.51 5.49
C ASN B 309 -3.66 -31.25 6.35
N LEU B 310 -2.73 -30.31 6.11
CA LEU B 310 -2.64 -29.17 7.01
C LEU B 310 -3.83 -28.22 6.86
N ALA B 311 -4.45 -28.18 5.68
CA ALA B 311 -5.66 -27.37 5.51
C ALA B 311 -6.77 -27.84 6.44
N GLU B 312 -7.00 -29.16 6.49
CA GLU B 312 -8.03 -29.69 7.38
C GLU B 312 -7.71 -29.36 8.83
N ASN B 313 -6.44 -29.50 9.22
CA ASN B 313 -6.08 -29.21 10.59
C ASN B 313 -6.29 -27.74 10.93
N ALA B 314 -5.94 -26.83 10.00
CA ALA B 314 -6.11 -25.40 10.28
C ALA B 314 -7.59 -25.05 10.39
N ASP B 315 -8.43 -25.66 9.57
CA ASP B 315 -9.87 -25.44 9.64
C ASP B 315 -10.42 -25.89 10.99
N LYS B 316 -10.12 -27.13 11.39
CA LYS B 316 -10.62 -27.68 12.65
C LYS B 316 -10.09 -26.91 13.85
N LEU B 317 -8.80 -26.62 13.87
CA LEU B 317 -8.22 -25.99 15.07
C LEU B 317 -8.54 -24.50 15.14
N GLY B 318 -8.74 -23.84 14.00
CA GLY B 318 -9.04 -22.42 14.02
C GLY B 318 -10.36 -22.09 14.69
N ILE B 319 -11.38 -22.92 14.47
CA ILE B 319 -12.67 -22.67 15.11
C ILE B 319 -12.57 -22.86 16.62
N ILE B 320 -11.74 -23.81 17.06
CA ILE B 320 -11.53 -23.98 18.49
C ILE B 320 -10.87 -22.73 19.07
N LEU B 321 -9.81 -22.26 18.42
CA LEU B 321 -9.12 -21.04 18.85
C LEU B 321 -10.09 -19.87 18.94
N ARG B 322 -10.88 -19.63 17.89
CA ARG B 322 -11.80 -18.49 17.90
C ARG B 322 -12.86 -18.64 18.99
N ASN B 323 -13.43 -19.83 19.13
CA ASN B 323 -14.46 -20.02 20.14
C ASN B 323 -13.92 -19.80 21.55
N GLU B 324 -12.69 -20.25 21.82
CA GLU B 324 -12.12 -20.03 23.15
C GLU B 324 -11.82 -18.55 23.38
N LEU B 325 -11.27 -17.88 22.38
CA LEU B 325 -10.99 -16.45 22.53
C LEU B 325 -12.27 -15.66 22.74
N MET B 326 -13.38 -16.11 22.16
CA MET B 326 -14.63 -15.37 22.34
C MET B 326 -15.17 -15.48 23.75
N LYS B 327 -14.67 -16.41 24.57
CA LYS B 327 -15.09 -16.55 25.96
C LYS B 327 -14.49 -15.49 26.88
N LEU B 328 -13.55 -14.70 26.40
CA LEU B 328 -12.95 -13.65 27.21
C LEU B 328 -13.93 -12.48 27.35
N PRO B 329 -13.86 -11.72 28.44
CA PRO B 329 -14.86 -10.67 28.68
C PRO B 329 -14.75 -9.54 27.67
N SER B 330 -15.92 -8.98 27.33
CA SER B 330 -15.99 -7.89 26.36
C SER B 330 -15.34 -6.61 26.84
N ASP B 331 -15.15 -6.45 28.15
CA ASP B 331 -14.41 -5.30 28.66
C ASP B 331 -12.96 -5.33 28.19
N VAL B 332 -12.46 -6.50 27.80
CA VAL B 332 -11.06 -6.71 27.50
C VAL B 332 -10.85 -6.99 26.01
N VAL B 333 -11.58 -7.96 25.47
CA VAL B 333 -11.49 -8.34 24.07
C VAL B 333 -12.83 -8.00 23.41
N THR B 334 -12.80 -7.09 22.45
CA THR B 334 -14.02 -6.58 21.86
C THR B 334 -14.41 -7.31 20.58
N ALA B 335 -13.46 -7.97 19.91
CA ALA B 335 -13.77 -8.72 18.71
C ALA B 335 -12.76 -9.84 18.52
N VAL B 336 -13.24 -10.94 17.94
CA VAL B 336 -12.43 -12.07 17.51
C VAL B 336 -12.76 -12.35 16.05
N ARG B 337 -11.75 -12.49 15.20
CA ARG B 337 -12.06 -12.78 13.79
C ARG B 337 -10.97 -13.63 13.19
N GLY B 338 -11.30 -14.29 12.08
CA GLY B 338 -10.34 -15.08 11.33
C GLY B 338 -11.01 -16.20 10.57
N LYS B 339 -10.18 -16.89 9.78
CA LYS B 339 -10.54 -18.13 9.09
C LYS B 339 -9.36 -19.08 9.24
N GLY B 340 -9.65 -20.37 9.43
CA GLY B 340 -8.57 -21.32 9.64
C GLY B 340 -7.67 -20.86 10.77
N LEU B 341 -6.36 -20.91 10.56
CA LEU B 341 -5.44 -20.46 11.60
C LEU B 341 -4.86 -19.07 11.32
N LEU B 342 -5.60 -18.23 10.60
CA LEU B 342 -5.28 -16.81 10.47
C LEU B 342 -6.32 -16.05 11.29
N ASN B 343 -5.94 -15.57 12.47
CA ASN B 343 -6.90 -15.04 13.43
C ASN B 343 -6.35 -13.76 14.06
N ALA B 344 -7.25 -12.97 14.63
CA ALA B 344 -6.85 -11.78 15.36
C ALA B 344 -7.89 -11.49 16.42
N ILE B 345 -7.46 -10.78 17.46
CA ILE B 345 -8.36 -10.22 18.45
C ILE B 345 -8.20 -8.72 18.48
N VAL B 346 -9.29 -8.03 18.81
CA VAL B 346 -9.27 -6.60 19.06
C VAL B 346 -9.45 -6.40 20.55
N ILE B 347 -8.55 -5.66 21.18
CA ILE B 347 -8.60 -5.42 22.61
C ILE B 347 -9.16 -4.02 22.86
N LYS B 348 -9.72 -3.81 24.04
CA LYS B 348 -10.24 -2.50 24.43
C LYS B 348 -9.05 -1.66 24.88
N GLU B 349 -8.37 -1.07 23.88
CA GLU B 349 -7.19 -0.26 24.16
C GLU B 349 -7.58 0.96 25.00
N THR B 350 -6.88 1.14 26.11
CA THR B 350 -6.95 2.35 26.90
C THR B 350 -5.64 3.12 26.73
N LYS B 351 -5.52 4.26 27.43
CA LYS B 351 -4.27 5.00 27.33
C LYS B 351 -3.13 4.29 28.04
N ASP B 352 -3.44 3.49 29.07
CA ASP B 352 -2.42 2.76 29.82
C ASP B 352 -2.19 1.34 29.32
N TRP B 353 -3.03 0.85 28.42
CA TRP B 353 -3.03 -0.57 28.06
C TRP B 353 -3.24 -0.70 26.55
N ASP B 354 -2.32 -1.37 25.88
CA ASP B 354 -2.39 -1.52 24.43
C ASP B 354 -1.87 -2.90 24.02
N ALA B 355 -1.92 -3.15 22.70
CA ALA B 355 -1.56 -4.45 22.16
C ALA B 355 -0.08 -4.74 22.35
N TRP B 356 0.77 -3.72 22.31
CA TRP B 356 2.20 -3.95 22.51
C TRP B 356 2.48 -4.52 23.89
N LYS B 357 1.85 -3.96 24.93
CA LYS B 357 2.10 -4.45 26.28
C LYS B 357 1.57 -5.86 26.47
N VAL B 358 0.44 -6.18 25.84
CA VAL B 358 -0.06 -7.55 25.90
C VAL B 358 0.95 -8.51 25.29
N CYS B 359 1.56 -8.10 24.17
CA CYS B 359 2.50 -8.99 23.49
C CYS B 359 3.83 -9.08 24.24
N LEU B 360 4.25 -7.99 24.91
CA LEU B 360 5.42 -8.10 25.78
C LEU B 360 5.17 -9.13 26.88
N ARG B 361 3.96 -9.13 27.45
CA ARG B 361 3.67 -10.08 28.52
C ARG B 361 3.46 -11.49 27.99
N LEU B 362 2.83 -11.62 26.81
CA LEU B 362 2.73 -12.93 26.17
C LEU B 362 4.10 -13.55 26.00
N ARG B 363 5.08 -12.74 25.55
CA ARG B 363 6.44 -13.19 25.43
C ARG B 363 6.98 -13.67 26.77
N ASP B 364 6.68 -12.91 27.82
CA ASP B 364 7.13 -13.29 29.16
C ASP B 364 6.56 -14.63 29.58
N ASN B 365 5.35 -14.95 29.11
CA ASN B 365 4.68 -16.20 29.45
C ASN B 365 4.87 -17.28 28.40
N GLY B 366 5.78 -17.09 27.45
CA GLY B 366 6.20 -18.16 26.56
C GLY B 366 5.48 -18.26 25.22
N LEU B 367 4.92 -17.15 24.71
CA LEU B 367 4.18 -17.18 23.45
C LEU B 367 4.47 -15.89 22.69
N LEU B 368 4.82 -16.01 21.42
CA LEU B 368 5.23 -14.89 20.58
C LEU B 368 4.12 -14.51 19.61
N ALA B 369 3.63 -13.28 19.73
CA ALA B 369 2.65 -12.70 18.81
C ALA B 369 3.01 -11.24 18.58
N LYS B 370 2.52 -10.68 17.48
CA LYS B 370 2.85 -9.28 17.26
C LYS B 370 1.59 -8.45 17.02
N PRO B 371 1.55 -7.23 17.52
CA PRO B 371 0.41 -6.35 17.25
C PRO B 371 0.49 -5.83 15.83
N THR B 372 -0.68 -5.69 15.21
CA THR B 372 -0.77 -5.07 13.89
C THR B 372 -1.35 -3.67 13.93
N HIS B 373 -1.97 -3.28 15.05
CA HIS B 373 -2.30 -1.90 15.36
C HIS B 373 -2.25 -1.77 16.88
N GLY B 374 -2.50 -0.56 17.38
CA GLY B 374 -2.53 -0.37 18.82
C GLY B 374 -3.51 -1.27 19.56
N ASP B 375 -4.52 -1.80 18.86
CA ASP B 375 -5.55 -2.59 19.52
C ASP B 375 -5.81 -3.96 18.87
N ILE B 376 -4.94 -4.43 17.98
CA ILE B 376 -5.13 -5.71 17.29
CA ILE B 376 -5.14 -5.71 17.30
C ILE B 376 -3.92 -6.59 17.55
N ILE B 377 -4.17 -7.85 17.88
CA ILE B 377 -3.11 -8.84 18.06
C ILE B 377 -3.43 -10.00 17.15
N ARG B 378 -2.47 -10.39 16.32
CA ARG B 378 -2.67 -11.53 15.43
C ARG B 378 -2.25 -12.82 16.13
N PHE B 379 -3.02 -13.88 15.89
CA PHE B 379 -2.70 -15.22 16.38
C PHE B 379 -2.69 -16.17 15.21
N ALA B 380 -1.52 -16.67 14.85
CA ALA B 380 -1.34 -17.47 13.64
C ALA B 380 -0.18 -18.44 13.85
N PRO B 381 -0.42 -19.55 14.54
CA PRO B 381 0.65 -20.53 14.79
C PRO B 381 0.84 -21.42 13.57
N PRO B 382 1.96 -22.15 13.48
CA PRO B 382 2.15 -23.04 12.33
C PRO B 382 1.05 -24.10 12.29
N LEU B 383 0.74 -24.53 11.07
CA LEU B 383 -0.41 -25.41 10.87
C LEU B 383 -0.15 -26.84 11.33
N VAL B 384 1.08 -27.14 11.74
CA VAL B 384 1.38 -28.45 12.33
C VAL B 384 1.05 -28.51 13.80
N ILE B 385 0.56 -27.41 14.40
CA ILE B 385 0.18 -27.44 15.80
C ILE B 385 -0.90 -28.52 16.03
N LYS B 386 -0.81 -29.16 17.20
CA LYS B 386 -1.79 -30.15 17.63
C LYS B 386 -2.76 -29.50 18.59
N GLU B 387 -3.90 -30.17 18.78
CA GLU B 387 -4.96 -29.60 19.61
C GLU B 387 -4.50 -29.38 21.05
N ASP B 388 -3.73 -30.33 21.61
CA ASP B 388 -3.28 -30.13 22.99
C ASP B 388 -2.32 -28.95 23.09
N GLU B 389 -1.44 -28.79 22.09
CA GLU B 389 -0.56 -27.64 22.04
C GLU B 389 -1.34 -26.34 21.88
N LEU B 390 -2.39 -26.36 21.06
CA LEU B 390 -3.23 -25.19 20.91
C LEU B 390 -3.92 -24.84 22.23
N ARG B 391 -4.41 -25.85 22.94
CA ARG B 391 -5.09 -25.56 24.20
C ARG B 391 -4.10 -25.09 25.25
N GLU B 392 -2.87 -25.60 25.23
CA GLU B 392 -1.85 -25.04 26.12
C GLU B 392 -1.59 -23.58 25.80
N SER B 393 -1.52 -23.23 24.51
CA SER B 393 -1.33 -21.84 24.10
C SER B 393 -2.50 -20.97 24.54
N ILE B 394 -3.73 -21.48 24.37
CA ILE B 394 -4.91 -20.73 24.79
C ILE B 394 -4.84 -20.39 26.28
N GLU B 395 -4.39 -21.34 27.10
CA GLU B 395 -4.22 -21.06 28.53
C GLU B 395 -3.24 -19.91 28.75
N ILE B 396 -2.14 -19.88 27.99
CA ILE B 396 -1.20 -18.77 28.10
C ILE B 396 -1.86 -17.45 27.72
N ILE B 397 -2.62 -17.45 26.63
CA ILE B 397 -3.29 -16.22 26.20
C ILE B 397 -4.32 -15.78 27.23
N ASN B 398 -5.12 -16.71 27.74
CA ASN B 398 -6.09 -16.36 28.78
C ASN B 398 -5.40 -15.75 29.99
N LYS B 399 -4.38 -16.45 30.50
CA LYS B 399 -3.69 -16.00 31.70
C LYS B 399 -3.07 -14.64 31.48
N THR B 400 -2.52 -14.40 30.29
CA THR B 400 -1.87 -13.13 30.00
C THR B 400 -2.89 -12.01 29.89
N ILE B 401 -3.94 -12.23 29.09
CA ILE B 401 -4.93 -11.19 28.85
C ILE B 401 -5.61 -10.80 30.16
N LEU B 402 -6.00 -11.79 30.96
CA LEU B 402 -6.68 -11.54 32.23
C LEU B 402 -5.75 -11.11 33.36
N SER B 403 -4.43 -11.18 33.17
CA SER B 403 -3.49 -10.74 34.21
C SER B 403 -3.39 -9.23 34.34
N PHE B 404 -3.89 -8.47 33.36
CA PHE B 404 -3.87 -7.02 33.44
C PHE B 404 -5.05 -6.51 34.27
N GLY C 1 -63.53 13.34 14.09
CA GLY C 1 -62.38 13.78 14.84
C GLY C 1 -61.11 13.89 14.02
N PRO C 2 -60.05 14.45 14.62
CA PRO C 2 -58.78 14.62 13.88
C PRO C 2 -58.03 13.31 13.77
N PRO C 3 -57.08 13.19 12.83
CA PRO C 3 -56.40 11.91 12.64
C PRO C 3 -55.48 11.57 13.79
N THR C 4 -55.45 10.28 14.15
CA THR C 4 -54.52 9.79 15.14
C THR C 4 -53.14 9.60 14.51
N SER C 5 -52.18 9.14 15.32
CA SER C 5 -50.82 8.92 14.81
C SER C 5 -50.80 7.81 13.78
N ASP C 6 -51.50 6.70 14.05
CA ASP C 6 -51.50 5.59 13.09
C ASP C 6 -52.23 5.97 11.80
N ASP C 7 -53.28 6.78 11.91
CA ASP C 7 -53.90 7.34 10.71
C ASP C 7 -52.86 8.10 9.88
N ILE C 8 -52.07 8.94 10.53
CA ILE C 8 -51.09 9.76 9.83
C ILE C 8 -50.06 8.89 9.13
N PHE C 9 -49.58 7.84 9.81
CA PHE C 9 -48.60 6.95 9.19
C PHE C 9 -49.19 6.27 7.96
N GLU C 10 -50.40 5.71 8.10
CA GLU C 10 -50.97 4.94 7.00
C GLU C 10 -51.28 5.80 5.80
N ARG C 11 -51.67 7.06 6.02
CA ARG C 11 -52.01 7.92 4.89
C ARG C 11 -50.76 8.29 4.09
N GLU C 12 -49.65 8.59 4.77
CA GLU C 12 -48.40 8.82 4.04
C GLU C 12 -47.95 7.57 3.31
N TYR C 13 -48.19 6.40 3.90
CA TYR C 13 -47.83 5.15 3.25
C TYR C 13 -48.58 4.98 1.92
N LYS C 14 -49.83 5.42 1.87
CA LYS C 14 -50.63 5.23 0.67
C LYS C 14 -50.30 6.24 -0.43
N TYR C 15 -50.11 7.51 -0.06
CA TYR C 15 -50.06 8.59 -1.04
C TYR C 15 -48.68 9.21 -1.20
N GLY C 16 -47.72 8.86 -0.35
CA GLY C 16 -46.40 9.43 -0.49
C GLY C 16 -45.36 8.39 -0.87
N ALA C 17 -44.29 8.86 -1.49
CA ALA C 17 -43.14 8.00 -1.77
C ALA C 17 -42.61 7.37 -0.49
N HIS C 18 -41.97 6.21 -0.63
CA HIS C 18 -41.38 5.49 0.50
C HIS C 18 -39.88 5.72 0.61
N ASN C 19 -39.41 6.95 0.45
CA ASN C 19 -37.98 7.21 0.50
C ASN C 19 -37.48 7.45 1.92
N TYR C 20 -38.36 7.41 2.92
CA TYR C 20 -37.96 7.56 4.32
C TYR C 20 -38.66 6.49 5.16
N HIS C 21 -38.01 6.11 6.25
CA HIS C 21 -38.62 5.28 7.28
C HIS C 21 -38.46 6.06 8.57
N PRO C 22 -39.39 6.96 8.89
CA PRO C 22 -39.23 7.82 10.05
C PRO C 22 -39.49 7.06 11.35
N LEU C 23 -38.94 7.59 12.44
CA LEU C 23 -39.35 7.13 13.76
C LEU C 23 -40.86 7.35 13.92
N PRO C 24 -41.62 6.33 14.35
CA PRO C 24 -43.09 6.49 14.38
C PRO C 24 -43.59 7.43 15.45
N VAL C 25 -43.56 8.73 15.14
CA VAL C 25 -44.12 9.77 15.99
C VAL C 25 -44.63 10.89 15.09
N ALA C 26 -45.85 11.35 15.33
CA ALA C 26 -46.53 12.29 14.44
C ALA C 26 -46.69 13.63 15.14
N LEU C 27 -45.89 14.61 14.75
CA LEU C 27 -45.86 15.90 15.43
C LEU C 27 -46.76 16.93 14.76
N GLU C 28 -47.36 17.79 15.57
CA GLU C 28 -48.20 18.85 15.06
C GLU C 28 -47.88 20.23 15.59
N ARG C 29 -47.03 20.35 16.62
CA ARG C 29 -46.67 21.67 17.14
C ARG C 29 -45.24 21.62 17.66
N GLY C 30 -44.57 22.76 17.57
CA GLY C 30 -43.21 22.89 18.08
C GLY C 30 -42.94 24.29 18.58
N LYS C 31 -42.28 24.39 19.73
CA LYS C 31 -41.99 25.69 20.32
C LYS C 31 -40.68 25.58 21.09
N GLY C 32 -39.65 26.30 20.63
CA GLY C 32 -38.39 26.29 21.35
C GLY C 32 -37.75 24.92 21.30
N ILE C 33 -37.50 24.33 22.47
CA ILE C 33 -36.86 23.01 22.53
C ILE C 33 -37.87 21.87 22.48
N TYR C 34 -39.17 22.16 22.38
CA TYR C 34 -40.21 21.15 22.54
C TYR C 34 -41.01 20.89 21.26
N LEU C 35 -41.52 19.66 21.17
CA LEU C 35 -42.46 19.24 20.14
C LEU C 35 -43.60 18.45 20.77
N TRP C 36 -44.79 18.58 20.18
CA TRP C 36 -46.01 17.90 20.64
C TRP C 36 -46.57 17.05 19.51
N ASP C 37 -46.95 15.81 19.84
CA ASP C 37 -47.60 14.96 18.85
C ASP C 37 -49.12 15.17 18.86
N VAL C 38 -49.80 14.54 17.90
CA VAL C 38 -51.24 14.73 17.75
C VAL C 38 -52.03 14.19 18.93
N GLU C 39 -51.47 13.24 19.69
CA GLU C 39 -52.13 12.78 20.92
C GLU C 39 -51.92 13.73 22.08
N GLY C 40 -51.11 14.78 21.90
CA GLY C 40 -50.87 15.76 22.94
C GLY C 40 -49.61 15.55 23.76
N ARG C 41 -48.90 14.44 23.55
CA ARG C 41 -47.66 14.19 24.29
C ARG C 41 -46.57 15.19 23.93
N LYS C 42 -45.73 15.52 24.90
CA LYS C 42 -44.70 16.55 24.76
C LYS C 42 -43.31 15.92 24.80
N TYR C 43 -42.41 16.39 23.93
CA TYR C 43 -41.09 15.81 23.78
C TYR C 43 -40.02 16.89 23.77
N PHE C 44 -38.84 16.54 24.30
CA PHE C 44 -37.63 17.30 24.02
C PHE C 44 -37.17 16.97 22.60
N ASP C 45 -36.92 18.00 21.80
CA ASP C 45 -36.35 17.80 20.46
C ASP C 45 -34.83 17.73 20.59
N PHE C 46 -34.26 16.53 20.44
CA PHE C 46 -32.81 16.36 20.45
C PHE C 46 -32.26 16.04 19.08
N LEU C 47 -32.97 16.43 18.03
CA LEU C 47 -32.47 16.39 16.66
C LEU C 47 -32.38 17.77 16.03
N SER C 48 -33.24 18.71 16.45
CA SER C 48 -33.25 20.07 15.93
C SER C 48 -33.41 20.10 14.41
N SER C 49 -34.17 19.15 13.87
CA SER C 49 -34.38 19.03 12.43
C SER C 49 -33.05 19.03 11.68
N TYR C 50 -32.13 18.20 12.17
CA TYR C 50 -30.78 18.07 11.62
C TYR C 50 -30.01 19.40 11.70
N SER C 51 -30.26 20.16 12.77
CA SER C 51 -29.65 21.45 13.06
C SER C 51 -30.23 22.60 12.24
N ALA C 52 -31.41 22.43 11.65
CA ALA C 52 -32.05 23.57 11.00
C ALA C 52 -32.79 24.47 12.00
N VAL C 53 -33.17 23.96 13.18
CA VAL C 53 -33.79 24.84 14.16
C VAL C 53 -32.84 25.01 15.35
N ASN C 54 -31.62 25.47 15.07
CA ASN C 54 -30.70 25.87 16.13
C ASN C 54 -31.35 26.89 17.07
N GLN C 55 -32.18 27.76 16.52
CA GLN C 55 -32.87 28.81 17.25
C GLN C 55 -34.10 28.30 18.00
N GLY C 56 -34.34 26.99 17.99
CA GLY C 56 -35.58 26.45 18.49
C GLY C 56 -36.73 26.63 17.51
N HIS C 57 -37.74 25.77 17.64
CA HIS C 57 -38.89 25.82 16.75
C HIS C 57 -39.63 27.15 16.91
N CYS C 58 -39.94 27.77 15.77
CA CYS C 58 -40.83 28.94 15.71
C CYS C 58 -40.35 30.08 16.62
N HIS C 59 -39.07 30.45 16.46
CA HIS C 59 -38.53 31.55 17.25
C HIS C 59 -39.30 32.83 16.92
N PRO C 60 -39.79 33.56 17.93
CA PRO C 60 -40.73 34.66 17.64
C PRO C 60 -40.13 35.77 16.81
N LYS C 61 -38.82 36.03 16.91
CA LYS C 61 -38.23 37.07 16.07
C LYS C 61 -38.23 36.65 14.61
N ILE C 62 -37.98 35.36 14.34
CA ILE C 62 -37.96 34.90 12.96
C ILE C 62 -39.36 34.79 12.41
N VAL C 63 -40.31 34.35 13.25
CA VAL C 63 -41.72 34.31 12.83
C VAL C 63 -42.20 35.70 12.45
N ASN C 64 -41.89 36.69 13.29
CA ASN C 64 -42.34 38.05 13.02
C ASN C 64 -41.72 38.58 11.74
N ALA C 65 -40.47 38.19 11.46
CA ALA C 65 -39.86 38.58 10.20
C ALA C 65 -40.60 37.97 9.02
N LEU C 66 -41.02 36.71 9.14
CA LEU C 66 -41.80 36.07 8.08
C LEU C 66 -43.16 36.74 7.94
N LYS C 67 -43.86 36.95 9.06
CA LYS C 67 -45.19 37.55 9.00
C LYS C 67 -45.13 38.96 8.42
N SER C 68 -44.13 39.75 8.81
CA SER C 68 -44.03 41.12 8.32
C SER C 68 -43.77 41.16 6.81
N GLN C 69 -42.84 40.32 6.31
CA GLN C 69 -42.48 40.42 4.90
C GLN C 69 -43.51 39.78 3.99
N VAL C 70 -44.25 38.77 4.46
CA VAL C 70 -45.22 38.13 3.59
C VAL C 70 -46.39 39.06 3.26
N ASP C 71 -46.63 40.08 4.09
CA ASP C 71 -47.63 41.10 3.76
C ASP C 71 -47.14 42.05 2.68
N LYS C 72 -45.83 42.11 2.44
CA LYS C 72 -45.26 43.09 1.52
C LYS C 72 -44.97 42.50 0.14
N LEU C 73 -44.14 41.45 0.08
CA LEU C 73 -43.64 40.92 -1.17
C LEU C 73 -42.88 39.65 -0.85
N THR C 74 -43.08 38.60 -1.65
CA THR C 74 -42.40 37.34 -1.37
C THR C 74 -41.49 36.87 -2.50
N LEU C 75 -41.78 37.19 -3.75
CA LEU C 75 -40.99 36.67 -4.86
C LEU C 75 -41.14 37.57 -6.08
N THR C 76 -40.06 38.23 -6.48
CA THR C 76 -40.04 38.94 -7.76
C THR C 76 -39.39 38.14 -8.87
N SER C 77 -38.61 37.11 -8.51
CA SER C 77 -37.64 36.44 -9.37
C SER C 77 -36.45 37.37 -9.58
N ARG C 78 -35.34 36.82 -10.04
CA ARG C 78 -34.14 37.61 -10.26
C ARG C 78 -34.15 38.35 -11.58
N ALA C 79 -35.25 38.29 -12.33
CA ALA C 79 -35.37 39.16 -13.50
C ALA C 79 -35.41 40.63 -13.11
N PHE C 80 -35.79 40.92 -11.86
CA PHE C 80 -35.82 42.28 -11.34
C PHE C 80 -35.10 42.29 -9.99
N TYR C 81 -34.85 43.50 -9.48
CA TYR C 81 -34.30 43.66 -8.14
C TYR C 81 -35.44 43.74 -7.12
N ASN C 82 -35.20 43.18 -5.94
CA ASN C 82 -36.03 43.46 -4.78
C ASN C 82 -35.18 44.21 -3.77
N ASN C 83 -35.85 44.89 -2.83
CA ASN C 83 -35.13 45.77 -1.92
C ASN C 83 -34.44 45.04 -0.78
N VAL C 84 -34.77 43.77 -0.54
CA VAL C 84 -34.28 43.07 0.65
C VAL C 84 -32.94 42.37 0.40
N LEU C 85 -32.72 41.84 -0.81
CA LEU C 85 -31.58 40.93 -1.04
C LEU C 85 -30.25 41.61 -0.71
N GLY C 86 -30.03 42.82 -1.24
CA GLY C 86 -28.79 43.54 -0.96
C GLY C 86 -28.56 43.79 0.52
N GLU C 87 -29.63 44.04 1.27
CA GLU C 87 -29.49 44.23 2.72
C GLU C 87 -28.98 42.96 3.39
N TYR C 88 -29.54 41.82 3.02
CA TYR C 88 -29.07 40.53 3.54
C TYR C 88 -27.64 40.24 3.07
N GLU C 89 -27.33 40.56 1.81
CA GLU C 89 -26.00 40.24 1.29
C GLU C 89 -24.93 41.03 2.04
N GLU C 90 -25.13 42.33 2.21
CA GLU C 90 -24.18 43.14 2.98
C GLU C 90 -24.04 42.60 4.40
N TYR C 91 -25.14 42.18 5.00
CA TYR C 91 -25.10 41.71 6.38
C TYR C 91 -24.30 40.42 6.50
N ILE C 92 -24.59 39.43 5.64
CA ILE C 92 -23.96 38.12 5.84
C ILE C 92 -22.49 38.14 5.42
N THR C 93 -22.14 38.91 4.38
CA THR C 93 -20.75 38.99 3.96
C THR C 93 -19.90 39.70 5.00
N LYS C 94 -20.45 40.73 5.64
CA LYS C 94 -19.67 41.40 6.67
C LYS C 94 -19.54 40.52 7.91
N LEU C 95 -20.59 39.76 8.23
CA LEU C 95 -20.56 38.88 9.39
C LEU C 95 -19.48 37.82 9.26
N PHE C 96 -19.33 37.23 8.06
CA PHE C 96 -18.36 36.16 7.88
C PHE C 96 -17.08 36.62 7.20
N ASN C 97 -17.00 37.91 6.85
CA ASN C 97 -15.78 38.51 6.27
C ASN C 97 -15.36 37.82 4.97
N TYR C 98 -16.30 37.73 4.03
CA TYR C 98 -16.03 37.42 2.63
C TYR C 98 -16.58 38.55 1.77
N HIS C 99 -16.03 38.69 0.57
CA HIS C 99 -16.48 39.76 -0.31
C HIS C 99 -17.95 39.60 -0.67
N LYS C 100 -18.38 38.38 -1.00
CA LYS C 100 -19.65 38.22 -1.68
C LYS C 100 -20.36 36.95 -1.24
N VAL C 101 -21.67 36.94 -1.44
CA VAL C 101 -22.51 35.77 -1.20
C VAL C 101 -23.30 35.47 -2.47
N LEU C 102 -23.50 34.18 -2.73
CA LEU C 102 -24.41 33.75 -3.79
C LEU C 102 -25.57 33.01 -3.13
N PRO C 103 -26.79 33.51 -3.22
CA PRO C 103 -27.91 32.88 -2.50
C PRO C 103 -28.51 31.73 -3.28
N MET C 104 -28.82 30.66 -2.55
CA MET C 104 -29.54 29.51 -3.10
C MET C 104 -30.61 29.13 -2.09
N ASN C 105 -31.27 27.98 -2.28
CA ASN C 105 -32.36 27.54 -1.42
C ASN C 105 -32.01 26.36 -0.53
N THR C 106 -31.53 25.25 -1.10
CA THR C 106 -31.23 24.06 -0.32
C THR C 106 -29.73 23.87 -0.20
N GLY C 107 -29.34 23.02 0.74
CA GLY C 107 -27.92 22.79 0.95
C GLY C 107 -27.27 22.16 -0.27
N VAL C 108 -27.95 21.22 -0.93
CA VAL C 108 -27.30 20.57 -2.06
C VAL C 108 -27.11 21.57 -3.21
N GLU C 109 -28.01 22.55 -3.36
CA GLU C 109 -27.79 23.59 -4.37
C GLU C 109 -26.59 24.46 -4.03
N ALA C 110 -26.33 24.71 -2.75
CA ALA C 110 -25.11 25.44 -2.41
C ALA C 110 -23.88 24.62 -2.74
N GLY C 111 -23.92 23.31 -2.50
CA GLY C 111 -22.80 22.46 -2.86
C GLY C 111 -22.58 22.42 -4.36
N GLU C 112 -23.68 22.28 -5.13
CA GLU C 112 -23.55 22.31 -6.58
C GLU C 112 -22.96 23.64 -7.04
N THR C 113 -23.38 24.74 -6.42
CA THR C 113 -22.83 26.04 -6.77
C THR C 113 -21.33 26.09 -6.51
N ALA C 114 -20.91 25.56 -5.36
CA ALA C 114 -19.49 25.51 -5.03
C ALA C 114 -18.71 24.70 -6.06
N CYS C 115 -19.24 23.55 -6.49
CA CYS C 115 -18.55 22.75 -7.50
C CYS C 115 -18.41 23.51 -8.81
N LYS C 116 -19.46 24.26 -9.18
CA LYS C 116 -19.37 25.02 -10.41
C LYS C 116 -18.37 26.17 -10.30
N LEU C 117 -18.34 26.85 -9.14
CA LEU C 117 -17.33 27.88 -8.92
C LEU C 117 -15.93 27.30 -9.00
N ALA C 118 -15.71 26.14 -8.36
CA ALA C 118 -14.37 25.54 -8.37
C ALA C 118 -13.94 25.18 -9.78
N ARG C 119 -14.83 24.58 -10.56
CA ARG C 119 -14.48 24.22 -11.93
C ARG C 119 -14.22 25.47 -12.76
N LYS C 120 -15.12 26.46 -12.69
CA LYS C 120 -14.95 27.69 -13.48
C LYS C 120 -13.68 28.42 -13.08
N TRP C 121 -13.38 28.48 -11.78
CA TRP C 121 -12.11 29.02 -11.32
C TRP C 121 -10.93 28.19 -11.83
N GLY C 122 -11.07 26.86 -11.80
CA GLY C 122 -9.98 26.01 -12.25
C GLY C 122 -9.64 26.24 -13.72
N TYR C 123 -10.65 26.39 -14.57
CA TYR C 123 -10.42 26.61 -15.99
C TYR C 123 -9.96 28.03 -16.28
N THR C 124 -10.58 29.03 -15.64
CA THR C 124 -10.32 30.42 -16.04
C THR C 124 -9.19 31.08 -15.27
N VAL C 125 -8.84 30.61 -14.08
CA VAL C 125 -7.76 31.20 -13.29
C VAL C 125 -6.59 30.24 -13.18
N LYS C 126 -6.84 29.01 -12.72
CA LYS C 126 -5.73 28.08 -12.57
C LYS C 126 -5.17 27.65 -13.91
N GLY C 127 -5.99 27.64 -14.97
CA GLY C 127 -5.51 27.29 -16.29
C GLY C 127 -5.65 25.83 -16.64
N ILE C 128 -6.49 25.07 -15.92
CA ILE C 128 -6.76 23.69 -16.27
C ILE C 128 -7.40 23.65 -17.66
N GLN C 129 -7.03 22.66 -18.46
CA GLN C 129 -7.66 22.48 -19.76
C GLN C 129 -9.10 21.97 -19.62
N LYS C 130 -10.03 22.54 -20.39
CA LYS C 130 -11.40 22.04 -20.37
C LYS C 130 -11.47 20.67 -21.04
N TYR C 131 -12.11 19.68 -20.39
CA TYR C 131 -12.75 19.73 -19.06
C TYR C 131 -12.09 18.72 -18.11
N LYS C 132 -10.84 18.99 -17.74
CA LYS C 132 -10.05 18.07 -16.93
C LYS C 132 -10.07 18.37 -15.44
N ALA C 133 -10.87 19.32 -14.98
CA ALA C 133 -10.83 19.72 -13.58
C ALA C 133 -11.35 18.63 -12.66
N LYS C 134 -10.66 18.42 -11.54
CA LYS C 134 -11.10 17.46 -10.54
C LYS C 134 -11.47 18.16 -9.23
N ILE C 135 -12.40 17.56 -8.50
CA ILE C 135 -12.71 17.99 -7.13
C ILE C 135 -12.53 16.77 -6.23
N VAL C 136 -11.84 16.98 -5.11
CA VAL C 136 -11.57 15.93 -4.14
C VAL C 136 -12.55 16.05 -2.98
N PHE C 137 -13.04 14.89 -2.52
CA PHE C 137 -14.00 14.78 -1.43
C PHE C 137 -13.45 13.76 -0.42
N ALA C 138 -13.96 13.82 0.81
CA ALA C 138 -13.58 12.89 1.85
C ALA C 138 -14.62 11.77 1.98
N ALA C 139 -14.15 10.53 2.12
CA ALA C 139 -15.04 9.41 2.33
C ALA C 139 -15.94 9.67 3.54
N GLY C 140 -17.20 9.24 3.45
CA GLY C 140 -18.16 9.55 4.47
C GLY C 140 -18.88 10.87 4.30
N ASN C 141 -18.47 11.66 3.30
CA ASN C 141 -19.11 12.95 3.09
C ASN C 141 -20.59 12.78 2.79
N PHE C 142 -21.37 13.78 3.16
CA PHE C 142 -22.75 13.86 2.69
C PHE C 142 -23.04 15.32 2.36
N TRP C 143 -23.48 15.58 1.12
CA TRP C 143 -23.86 16.96 0.82
C TRP C 143 -25.12 17.02 -0.04
N GLY C 144 -25.90 15.95 -0.09
CA GLY C 144 -27.19 16.01 -0.72
C GLY C 144 -27.44 14.81 -1.60
N ARG C 145 -28.46 14.92 -2.43
CA ARG C 145 -29.01 13.79 -3.16
C ARG C 145 -29.13 14.01 -4.66
N THR C 146 -28.59 15.09 -5.20
CA THR C 146 -28.49 15.20 -6.65
C THR C 146 -27.57 14.11 -7.20
N LEU C 147 -27.63 13.93 -8.52
CA LEU C 147 -26.77 12.96 -9.17
C LEU C 147 -25.30 13.29 -8.92
N SER C 148 -24.96 14.58 -8.89
CA SER C 148 -23.60 14.97 -8.56
C SER C 148 -23.25 14.60 -7.13
N ALA C 149 -24.12 14.94 -6.17
CA ALA C 149 -23.78 14.74 -4.77
C ALA C 149 -23.59 13.25 -4.45
N ILE C 150 -24.42 12.38 -5.03
CA ILE C 150 -24.25 10.95 -4.74
C ILE C 150 -23.07 10.36 -5.48
N SER C 151 -22.57 11.04 -6.52
CA SER C 151 -21.37 10.58 -7.21
C SER C 151 -20.13 10.65 -6.34
N SER C 152 -20.09 11.50 -5.32
CA SER C 152 -18.95 11.59 -4.42
C SER C 152 -19.18 10.83 -3.13
N SER C 153 -20.32 10.17 -2.99
CA SER C 153 -20.65 9.45 -1.78
C SER C 153 -19.95 8.10 -1.75
N THR C 154 -19.55 7.67 -0.55
CA THR C 154 -19.09 6.29 -0.36
C THR C 154 -20.18 5.41 0.25
N ASP C 155 -21.41 5.93 0.40
CA ASP C 155 -22.50 5.18 1.00
C ASP C 155 -23.35 4.55 -0.09
N PRO C 156 -23.35 3.21 -0.23
CA PRO C 156 -24.13 2.59 -1.33
C PRO C 156 -25.62 2.89 -1.30
N THR C 157 -26.24 3.10 -0.14
CA THR C 157 -27.65 3.44 -0.14
CA THR C 157 -27.65 3.45 -0.12
C THR C 157 -27.90 4.75 -0.89
N SER C 158 -26.89 5.62 -0.94
CA SER C 158 -27.00 6.90 -1.64
C SER C 158 -26.84 6.75 -3.16
N TYR C 159 -25.91 5.91 -3.63
CA TYR C 159 -25.61 5.90 -5.06
C TYR C 159 -26.03 4.65 -5.81
N ASP C 160 -26.24 3.52 -5.13
CA ASP C 160 -26.50 2.27 -5.83
C ASP C 160 -27.80 2.35 -6.61
N GLY C 161 -27.74 2.02 -7.90
CA GLY C 161 -28.92 2.08 -8.75
C GLY C 161 -29.20 3.42 -9.40
N PHE C 162 -28.35 4.43 -9.21
CA PHE C 162 -28.63 5.78 -9.69
C PHE C 162 -27.59 6.29 -10.68
N GLY C 163 -26.62 5.45 -11.08
CA GLY C 163 -25.62 5.86 -12.04
C GLY C 163 -26.15 5.85 -13.46
N PRO C 164 -25.29 6.24 -14.42
CA PRO C 164 -23.85 6.49 -14.27
C PRO C 164 -23.51 7.80 -13.57
N PHE C 165 -22.28 7.92 -13.11
CA PHE C 165 -21.94 8.95 -12.14
C PHE C 165 -21.15 10.09 -12.77
N MET C 166 -21.15 11.22 -12.07
CA MET C 166 -20.42 12.40 -12.53
C MET C 166 -18.92 12.14 -12.51
N PRO C 167 -18.22 12.36 -13.62
CA PRO C 167 -16.76 12.22 -13.61
C PRO C 167 -16.11 13.42 -12.94
N GLY C 168 -14.83 13.24 -12.60
CA GLY C 168 -14.03 14.31 -12.05
C GLY C 168 -14.14 14.49 -10.55
N PHE C 169 -14.75 13.53 -9.86
CA PHE C 169 -14.90 13.55 -8.41
C PHE C 169 -14.04 12.43 -7.86
N ASP C 170 -13.06 12.76 -7.01
CA ASP C 170 -12.14 11.78 -6.44
C ASP C 170 -12.36 11.75 -4.94
N ILE C 171 -12.10 10.59 -4.33
CA ILE C 171 -12.41 10.40 -2.91
C ILE C 171 -11.16 9.95 -2.19
N ILE C 172 -10.87 10.56 -1.05
CA ILE C 172 -9.76 10.16 -0.17
C ILE C 172 -10.34 9.93 1.22
N PRO C 173 -9.60 9.29 2.14
CA PRO C 173 -10.11 9.17 3.52
C PRO C 173 -10.26 10.54 4.18
N TYR C 174 -11.19 10.60 5.11
CA TYR C 174 -11.36 11.76 5.96
C TYR C 174 -10.26 11.78 7.02
N ASN C 175 -9.95 12.98 7.55
CA ASN C 175 -9.04 13.09 8.69
C ASN C 175 -7.66 12.50 8.33
N ASP C 176 -7.18 12.81 7.13
CA ASP C 176 -6.01 12.12 6.60
C ASP C 176 -5.21 13.10 5.75
N LEU C 177 -4.27 13.80 6.39
CA LEU C 177 -3.51 14.81 5.66
C LEU C 177 -2.52 14.22 4.65
N PRO C 178 -1.83 13.10 4.95
CA PRO C 178 -0.99 12.51 3.89
C PRO C 178 -1.78 12.16 2.64
N ALA C 179 -3.02 11.67 2.79
CA ALA C 179 -3.81 11.32 1.62
C ALA C 179 -4.18 12.57 0.81
N LEU C 180 -4.50 13.67 1.50
CA LEU C 180 -4.78 14.91 0.79
C LEU C 180 -3.54 15.41 0.07
N GLU C 181 -2.40 15.40 0.76
CA GLU C 181 -1.14 15.80 0.12
C GLU C 181 -0.86 14.99 -1.13
N ARG C 182 -1.13 13.67 -1.08
CA ARG C 182 -0.92 12.84 -2.26
C ARG C 182 -1.88 13.21 -3.38
N ALA C 183 -3.15 13.45 -3.03
CA ALA C 183 -4.16 13.80 -4.02
C ALA C 183 -3.84 15.12 -4.72
N LEU C 184 -3.33 16.10 -3.97
CA LEU C 184 -3.15 17.43 -4.55
C LEU C 184 -1.90 17.54 -5.41
N GLN C 185 -1.17 16.44 -5.63
CA GLN C 185 -0.06 16.48 -6.57
C GLN C 185 -0.53 16.67 -8.01
N ASP C 186 -1.80 16.37 -8.30
CA ASP C 186 -2.34 16.48 -9.65
C ASP C 186 -2.76 17.93 -9.89
N PRO C 187 -2.10 18.63 -10.81
CA PRO C 187 -2.44 20.05 -11.05
C PRO C 187 -3.83 20.26 -11.61
N ASN C 188 -4.48 19.22 -12.10
CA ASN C 188 -5.86 19.33 -12.55
C ASN C 188 -6.87 19.35 -11.40
N VAL C 189 -6.44 19.17 -10.16
CA VAL C 189 -7.36 19.32 -9.04
C VAL C 189 -7.69 20.79 -8.85
N ALA C 190 -8.98 21.12 -8.85
CA ALA C 190 -9.37 22.51 -8.60
C ALA C 190 -9.73 22.79 -7.14
N ALA C 191 -10.25 21.80 -6.40
CA ALA C 191 -10.76 22.08 -5.06
C ALA C 191 -10.83 20.80 -4.24
N PHE C 192 -10.85 20.99 -2.92
CA PHE C 192 -11.11 19.93 -1.95
C PHE C 192 -12.31 20.40 -1.16
N MET C 193 -13.38 19.60 -1.14
CA MET C 193 -14.56 19.97 -0.37
C MET C 193 -14.65 19.02 0.82
N VAL C 194 -14.86 19.58 2.01
CA VAL C 194 -14.81 18.78 3.23
C VAL C 194 -15.67 19.44 4.29
N GLU C 195 -16.26 18.61 5.14
CA GLU C 195 -17.01 18.98 6.34
C GLU C 195 -16.06 19.05 7.52
N PRO C 196 -16.12 20.13 8.32
CA PRO C 196 -15.21 20.23 9.47
C PRO C 196 -15.49 19.18 10.54
N ILE C 197 -16.73 18.72 10.62
CA ILE C 197 -17.15 17.54 11.36
C ILE C 197 -18.14 16.84 10.45
N GLN C 198 -17.98 15.54 10.25
CA GLN C 198 -18.92 14.82 9.39
C GLN C 198 -20.13 14.42 10.21
N GLY C 199 -21.26 15.09 9.95
CA GLY C 199 -22.46 14.85 10.71
C GLY C 199 -23.15 13.56 10.36
N GLU C 200 -23.55 13.43 9.09
CA GLU C 200 -24.31 12.26 8.66
CA GLU C 200 -24.30 12.26 8.65
C GLU C 200 -23.51 10.98 8.86
N ALA C 201 -22.17 11.05 8.81
CA ALA C 201 -21.34 9.88 9.00
C ALA C 201 -21.34 9.38 10.45
N GLY C 202 -21.91 10.15 11.38
CA GLY C 202 -21.94 9.73 12.77
C GLY C 202 -21.22 10.67 13.72
N VAL C 203 -21.25 11.97 13.41
CA VAL C 203 -20.55 13.00 14.17
C VAL C 203 -19.08 12.62 14.29
N VAL C 204 -18.40 12.56 13.16
CA VAL C 204 -16.99 12.19 13.10
C VAL C 204 -16.15 13.45 13.19
N VAL C 205 -15.45 13.63 14.30
CA VAL C 205 -14.65 14.83 14.56
C VAL C 205 -13.22 14.52 14.17
N PRO C 206 -12.63 15.25 13.23
CA PRO C 206 -11.23 14.98 12.86
C PRO C 206 -10.29 15.43 13.96
N ASP C 207 -9.04 14.97 13.86
CA ASP C 207 -8.07 15.24 14.91
C ASP C 207 -7.67 16.72 14.92
N PRO C 208 -7.26 17.25 16.08
CA PRO C 208 -6.77 18.64 16.12
C PRO C 208 -5.64 18.83 15.12
N GLY C 209 -5.67 19.97 14.44
CA GLY C 209 -4.71 20.26 13.40
C GLY C 209 -5.13 19.87 11.99
N TYR C 210 -6.18 19.05 11.85
CA TYR C 210 -6.59 18.61 10.51
C TYR C 210 -6.99 19.81 9.65
N LEU C 211 -7.83 20.69 10.19
CA LEU C 211 -8.32 21.79 9.36
C LEU C 211 -7.19 22.75 9.01
N MET C 212 -6.27 23.00 9.97
CA MET C 212 -5.10 23.81 9.67
CA MET C 212 -5.08 23.80 9.68
C MET C 212 -4.25 23.16 8.57
N GLY C 213 -4.07 21.85 8.63
CA GLY C 213 -3.28 21.17 7.61
C GLY C 213 -3.97 21.20 6.25
N VAL C 214 -5.28 21.08 6.24
CA VAL C 214 -6.02 21.19 4.98
C VAL C 214 -5.79 22.56 4.36
N ARG C 215 -5.94 23.62 5.17
CA ARG C 215 -5.72 24.97 4.68
C ARG C 215 -4.31 25.13 4.11
N GLU C 216 -3.30 24.63 4.83
CA GLU C 216 -1.91 24.76 4.38
C GLU C 216 -1.68 24.06 3.05
N LEU C 217 -2.19 22.82 2.92
CA LEU C 217 -1.96 22.07 1.70
C LEU C 217 -2.72 22.66 0.53
N CYS C 218 -3.96 23.14 0.76
CA CYS C 218 -4.68 23.74 -0.35
C CYS C 218 -3.98 25.01 -0.85
N THR C 219 -3.49 25.84 0.08
CA THR C 219 -2.76 27.04 -0.33
C THR C 219 -1.48 26.68 -1.08
N ARG C 220 -0.72 25.72 -0.56
CA ARG C 220 0.55 25.34 -1.17
C ARG C 220 0.37 24.84 -2.59
N HIS C 221 -0.71 24.10 -2.85
CA HIS C 221 -0.87 23.46 -4.15
C HIS C 221 -1.88 24.16 -5.06
N GLN C 222 -2.27 25.39 -4.72
CA GLN C 222 -3.18 26.20 -5.52
C GLN C 222 -4.51 25.47 -5.76
N VAL C 223 -5.13 25.07 -4.66
CA VAL C 223 -6.39 24.33 -4.66
C VAL C 223 -7.36 25.07 -3.76
N LEU C 224 -8.63 25.14 -4.17
CA LEU C 224 -9.64 25.80 -3.33
C LEU C 224 -10.05 24.89 -2.19
N PHE C 225 -10.08 25.46 -0.98
CA PHE C 225 -10.61 24.79 0.21
C PHE C 225 -12.09 25.17 0.35
N ILE C 226 -12.99 24.23 0.01
CA ILE C 226 -14.42 24.42 0.23
C ILE C 226 -14.81 23.76 1.55
N ALA C 227 -15.31 24.56 2.49
CA ALA C 227 -15.74 24.05 3.78
C ALA C 227 -17.26 23.98 3.80
N ASP C 228 -17.80 22.76 3.93
CA ASP C 228 -19.24 22.57 3.95
C ASP C 228 -19.69 22.71 5.41
N GLU C 229 -20.25 23.86 5.76
CA GLU C 229 -20.69 24.14 7.11
C GLU C 229 -22.21 24.18 7.18
N ILE C 230 -22.87 23.46 6.26
CA ILE C 230 -24.33 23.47 6.23
C ILE C 230 -24.92 22.87 7.51
N GLN C 231 -24.23 21.90 8.10
CA GLN C 231 -24.63 21.31 9.37
CA GLN C 231 -24.63 21.31 9.37
C GLN C 231 -23.86 21.88 10.56
N THR C 232 -22.56 22.11 10.41
CA THR C 232 -21.70 22.50 11.53
C THR C 232 -21.68 24.00 11.80
N GLY C 233 -22.15 24.82 10.87
CA GLY C 233 -22.06 26.25 11.04
C GLY C 233 -23.12 26.79 12.00
N LEU C 234 -23.09 28.11 12.15
CA LEU C 234 -24.18 28.88 12.77
C LEU C 234 -24.42 28.42 14.22
N ALA C 235 -23.34 28.38 14.98
CA ALA C 235 -23.26 28.24 16.43
C ALA C 235 -23.43 26.79 16.90
N ARG C 236 -23.80 25.85 16.02
CA ARG C 236 -24.11 24.49 16.43
C ARG C 236 -22.96 23.83 17.19
N THR C 237 -21.72 24.05 16.74
CA THR C 237 -20.56 23.46 17.40
C THR C 237 -19.92 24.37 18.42
N GLY C 238 -20.53 25.52 18.71
CA GLY C 238 -19.97 26.44 19.69
C GLY C 238 -19.20 27.60 19.10
N ARG C 239 -19.17 27.73 17.77
CA ARG C 239 -18.56 28.86 17.08
C ARG C 239 -19.46 29.24 15.90
N TRP C 240 -19.24 30.43 15.34
CA TRP C 240 -19.96 30.81 14.13
C TRP C 240 -19.74 29.79 13.03
N LEU C 241 -18.49 29.32 12.89
CA LEU C 241 -18.13 28.24 11.97
C LEU C 241 -17.24 27.28 12.74
N ALA C 242 -17.39 25.97 12.46
CA ALA C 242 -16.54 25.00 13.11
C ALA C 242 -15.08 25.22 12.76
N VAL C 243 -14.80 25.80 11.58
CA VAL C 243 -13.41 26.11 11.24
C VAL C 243 -12.83 27.20 12.13
N ASP C 244 -13.65 27.97 12.85
CA ASP C 244 -13.11 29.00 13.75
C ASP C 244 -12.31 28.40 14.90
N TYR C 245 -12.54 27.12 15.24
CA TYR C 245 -11.78 26.51 16.33
C TYR C 245 -10.29 26.45 16.02
N GLU C 246 -9.90 26.41 14.74
CA GLU C 246 -8.49 26.42 14.37
C GLU C 246 -8.09 27.68 13.63
N ASN C 247 -8.93 28.73 13.68
CA ASN C 247 -8.64 30.02 13.04
CA ASN C 247 -8.64 30.02 13.04
C ASN C 247 -8.29 29.83 11.57
N VAL C 248 -9.05 29.00 10.89
CA VAL C 248 -8.83 28.68 9.49
C VAL C 248 -9.85 29.40 8.63
N ARG C 249 -9.39 29.99 7.51
CA ARG C 249 -10.26 30.68 6.57
C ARG C 249 -10.36 29.88 5.28
N PRO C 250 -11.45 29.17 5.04
CA PRO C 250 -11.63 28.49 3.75
C PRO C 250 -11.79 29.48 2.60
N ASP C 251 -11.54 28.99 1.39
CA ASP C 251 -11.81 29.78 0.18
C ASP C 251 -13.30 29.92 -0.10
N ILE C 252 -14.08 28.86 0.12
CA ILE C 252 -15.53 28.91 -0.05
C ILE C 252 -16.17 28.30 1.19
N VAL C 253 -17.17 28.98 1.75
CA VAL C 253 -17.94 28.47 2.89
C VAL C 253 -19.38 28.25 2.45
N LEU C 254 -19.91 27.06 2.72
CA LEU C 254 -21.32 26.74 2.43
C LEU C 254 -22.14 26.82 3.71
N LEU C 255 -23.29 27.51 3.66
CA LEU C 255 -24.22 27.53 4.78
C LEU C 255 -25.61 27.13 4.31
N GLY C 256 -26.40 26.61 5.25
CA GLY C 256 -27.78 26.26 4.96
C GLY C 256 -28.52 25.95 6.25
N LYS C 257 -29.48 25.02 6.21
CA LYS C 257 -30.23 24.52 7.37
C LYS C 257 -30.63 25.63 8.35
N ALA C 258 -29.81 25.91 9.37
CA ALA C 258 -30.20 26.89 10.39
C ALA C 258 -30.16 28.33 9.91
N LEU C 259 -29.67 28.58 8.69
CA LEU C 259 -29.68 29.93 8.14
C LEU C 259 -31.06 30.57 8.20
N SER C 260 -32.13 29.77 8.29
CA SER C 260 -33.49 30.28 8.34
C SER C 260 -34.22 29.99 9.65
N GLY C 261 -33.59 29.28 10.59
CA GLY C 261 -34.30 28.81 11.76
C GLY C 261 -35.41 27.83 11.46
N GLY C 262 -35.36 27.15 10.31
CA GLY C 262 -36.37 26.20 9.94
C GLY C 262 -37.61 26.77 9.29
N LEU C 263 -37.67 28.08 9.05
CA LEU C 263 -38.88 28.68 8.51
C LEU C 263 -38.89 28.76 6.99
N TYR C 264 -37.77 28.50 6.34
CA TYR C 264 -37.67 28.72 4.90
C TYR C 264 -36.41 28.04 4.39
N PRO C 265 -36.41 27.43 3.21
CA PRO C 265 -35.16 26.85 2.68
C PRO C 265 -34.26 27.94 2.14
N VAL C 266 -33.22 28.28 2.91
CA VAL C 266 -32.23 29.28 2.52
C VAL C 266 -30.83 28.70 2.64
N SER C 267 -30.02 28.85 1.59
CA SER C 267 -28.62 28.44 1.63
C SER C 267 -27.76 29.53 1.00
N ALA C 268 -26.44 29.45 1.25
CA ALA C 268 -25.56 30.54 0.88
C ALA C 268 -24.18 30.00 0.54
N VAL C 269 -23.53 30.64 -0.44
CA VAL C 269 -22.16 30.33 -0.84
C VAL C 269 -21.34 31.60 -0.66
N LEU C 270 -20.34 31.54 0.22
CA LEU C 270 -19.54 32.73 0.56
C LEU C 270 -18.12 32.58 0.02
N CYS C 271 -17.62 33.62 -0.65
CA CYS C 271 -16.24 33.59 -1.12
C CYS C 271 -15.85 34.98 -1.62
N ASP C 272 -14.56 35.15 -1.86
CA ASP C 272 -14.04 36.45 -2.30
C ASP C 272 -14.19 36.62 -3.82
N ASP C 273 -13.96 37.86 -4.26
CA ASP C 273 -14.22 38.25 -5.65
C ASP C 273 -13.47 37.38 -6.65
N ASP C 274 -12.21 37.03 -6.36
CA ASP C 274 -11.45 36.34 -7.40
C ASP C 274 -11.98 34.93 -7.68
N ILE C 275 -12.81 34.38 -6.79
CA ILE C 275 -13.55 33.15 -7.05
C ILE C 275 -14.96 33.45 -7.53
N MET C 276 -15.67 34.32 -6.81
CA MET C 276 -17.10 34.52 -7.05
C MET C 276 -17.33 35.03 -8.46
N LEU C 277 -16.50 35.96 -8.92
CA LEU C 277 -16.74 36.65 -10.18
C LEU C 277 -16.29 35.83 -11.39
N THR C 278 -15.87 34.57 -11.20
CA THR C 278 -15.69 33.70 -12.36
C THR C 278 -17.03 33.37 -13.00
N ILE C 279 -18.13 33.48 -12.27
CA ILE C 279 -19.45 33.22 -12.84
C ILE C 279 -20.05 34.54 -13.29
N LYS C 280 -20.40 34.62 -14.56
CA LYS C 280 -20.88 35.86 -15.18
C LYS C 280 -22.40 35.87 -15.26
N PRO C 281 -23.00 37.03 -15.54
CA PRO C 281 -24.47 37.09 -15.61
C PRO C 281 -25.06 36.07 -16.57
N GLY C 282 -26.15 35.43 -16.14
CA GLY C 282 -26.79 34.40 -16.93
C GLY C 282 -26.21 33.01 -16.79
N GLU C 283 -25.13 32.84 -16.03
CA GLU C 283 -24.42 31.56 -16.00
C GLU C 283 -24.76 30.69 -14.79
N HIS C 284 -25.61 31.18 -13.89
CA HIS C 284 -25.99 30.39 -12.73
C HIS C 284 -27.16 31.08 -12.06
N GLY C 285 -28.05 30.30 -11.47
CA GLY C 285 -29.16 30.89 -10.76
C GLY C 285 -30.13 29.88 -10.22
N SER C 286 -31.31 30.38 -9.89
CA SER C 286 -32.33 29.63 -9.20
C SER C 286 -33.60 30.48 -9.13
N THR C 287 -34.75 29.86 -9.38
CA THR C 287 -36.01 30.63 -9.33
C THR C 287 -36.20 31.33 -7.99
N TYR C 288 -36.13 30.58 -6.89
CA TYR C 288 -36.42 31.12 -5.56
C TYR C 288 -35.19 31.66 -4.85
N GLY C 289 -33.98 31.44 -5.39
CA GLY C 289 -32.79 31.92 -4.71
C GLY C 289 -32.77 33.42 -4.55
N GLY C 290 -32.52 33.90 -3.33
CA GLY C 290 -32.43 35.32 -3.07
C GLY C 290 -33.75 36.04 -2.95
N ASN C 291 -34.87 35.32 -2.83
CA ASN C 291 -36.16 35.99 -2.77
C ASN C 291 -36.26 36.80 -1.47
N PRO C 292 -37.07 37.86 -1.46
CA PRO C 292 -37.10 38.75 -0.28
C PRO C 292 -37.68 38.11 0.96
N LEU C 293 -38.53 37.10 0.84
CA LEU C 293 -39.08 36.47 2.04
C LEU C 293 -38.02 35.67 2.77
N GLY C 294 -37.27 34.82 2.05
CA GLY C 294 -36.18 34.10 2.68
C GLY C 294 -35.10 35.01 3.22
N CYS C 295 -34.85 36.14 2.54
CA CYS C 295 -33.81 37.06 2.98
C CYS C 295 -34.19 37.73 4.30
N ARG C 296 -35.44 38.17 4.44
CA ARG C 296 -35.88 38.70 5.73
C ARG C 296 -35.74 37.65 6.82
N VAL C 297 -36.15 36.42 6.53
CA VAL C 297 -36.04 35.32 7.49
C VAL C 297 -34.60 35.09 7.88
N ALA C 298 -33.70 35.04 6.88
CA ALA C 298 -32.29 34.75 7.17
C ALA C 298 -31.64 35.85 8.01
N ILE C 299 -31.94 37.12 7.72
CA ILE C 299 -31.39 38.20 8.55
C ILE C 299 -31.81 38.00 10.00
N ALA C 300 -33.10 37.73 10.23
CA ALA C 300 -33.59 37.53 11.59
C ALA C 300 -32.98 36.30 12.24
N ALA C 301 -32.81 35.23 11.46
CA ALA C 301 -32.20 34.01 12.00
C ALA C 301 -30.76 34.26 12.41
N LEU C 302 -30.02 35.04 11.62
CA LEU C 302 -28.63 35.34 11.97
C LEU C 302 -28.56 36.26 13.18
N GLU C 303 -29.43 37.26 13.25
CA GLU C 303 -29.44 38.16 14.39
C GLU C 303 -29.77 37.42 15.69
N VAL C 304 -30.66 36.42 15.63
CA VAL C 304 -30.98 35.63 16.83
C VAL C 304 -29.73 34.91 17.35
N LEU C 305 -28.96 34.31 16.44
CA LEU C 305 -27.74 33.63 16.86
C LEU C 305 -26.75 34.62 17.49
N GLU C 306 -26.65 35.83 16.93
CA GLU C 306 -25.71 36.81 17.46
C GLU C 306 -26.23 37.44 18.75
N GLU C 307 -27.48 37.91 18.73
CA GLU C 307 -28.04 38.60 19.89
C GLU C 307 -28.05 37.71 21.13
N GLU C 308 -28.44 36.45 20.97
CA GLU C 308 -28.62 35.57 22.12
C GLU C 308 -27.36 34.76 22.47
N ASN C 309 -26.23 35.04 21.83
CA ASN C 309 -24.95 34.38 22.12
C ASN C 309 -25.08 32.88 22.21
N LEU C 310 -25.75 32.30 21.20
CA LEU C 310 -26.06 30.87 21.23
C LEU C 310 -24.82 29.99 21.04
N ALA C 311 -23.77 30.51 20.41
CA ALA C 311 -22.55 29.73 20.25
C ALA C 311 -21.86 29.51 21.59
N GLU C 312 -21.85 30.54 22.44
CA GLU C 312 -21.31 30.36 23.79
C GLU C 312 -22.15 29.38 24.59
N ASN C 313 -23.47 29.47 24.49
CA ASN C 313 -24.32 28.52 25.18
C ASN C 313 -24.10 27.10 24.67
N ALA C 314 -23.93 26.95 23.35
CA ALA C 314 -23.68 25.63 22.77
C ALA C 314 -22.36 25.06 23.28
N ASP C 315 -21.33 25.90 23.37
CA ASP C 315 -20.03 25.46 23.87
C ASP C 315 -20.10 25.02 25.32
N LYS C 316 -20.70 25.85 26.19
CA LYS C 316 -20.76 25.51 27.61
C LYS C 316 -21.66 24.31 27.87
N LEU C 317 -22.84 24.28 27.25
CA LEU C 317 -23.75 23.17 27.54
C LEU C 317 -23.33 21.88 26.87
N GLY C 318 -22.61 21.95 25.74
CA GLY C 318 -22.07 20.73 25.15
C GLY C 318 -21.04 20.07 26.03
N ILE C 319 -20.24 20.87 26.74
CA ILE C 319 -19.30 20.32 27.71
C ILE C 319 -20.06 19.55 28.78
N ILE C 320 -21.14 20.16 29.30
CA ILE C 320 -21.95 19.48 30.30
C ILE C 320 -22.56 18.21 29.72
N LEU C 321 -23.07 18.27 28.49
CA LEU C 321 -23.77 17.10 27.97
C LEU C 321 -22.81 15.93 27.73
N ARG C 322 -21.61 16.21 27.22
CA ARG C 322 -20.65 15.13 26.98
C ARG C 322 -20.13 14.57 28.30
N ASN C 323 -19.93 15.43 29.29
CA ASN C 323 -19.45 14.96 30.60
C ASN C 323 -20.44 14.00 31.23
N GLU C 324 -21.73 14.34 31.17
CA GLU C 324 -22.74 13.48 31.79
C GLU C 324 -22.94 12.20 30.99
N LEU C 325 -22.92 12.29 29.66
CA LEU C 325 -23.05 11.10 28.83
C LEU C 325 -21.93 10.10 29.08
N MET C 326 -20.72 10.60 29.35
CA MET C 326 -19.57 9.72 29.60
C MET C 326 -19.66 8.98 30.93
N LYS C 327 -20.60 9.34 31.79
CA LYS C 327 -20.82 8.60 33.03
C LYS C 327 -21.63 7.33 32.82
N LEU C 328 -22.25 7.16 31.65
CA LEU C 328 -22.97 5.94 31.35
C LEU C 328 -21.98 4.78 31.23
N PRO C 329 -22.44 3.55 31.48
CA PRO C 329 -21.51 2.41 31.51
C PRO C 329 -20.79 2.22 30.18
N SER C 330 -19.45 2.24 30.24
CA SER C 330 -18.65 1.90 29.07
C SER C 330 -18.94 0.50 28.57
N ASP C 331 -19.50 -0.34 29.45
CA ASP C 331 -20.01 -1.64 29.04
C ASP C 331 -21.08 -1.50 27.95
N VAL C 332 -21.79 -0.38 27.94
CA VAL C 332 -23.00 -0.20 27.15
C VAL C 332 -22.88 0.95 26.15
N VAL C 333 -22.32 2.08 26.58
CA VAL C 333 -22.02 3.21 25.72
C VAL C 333 -20.52 3.22 25.51
N THR C 334 -20.09 2.83 24.31
CA THR C 334 -18.66 2.65 24.03
C THR C 334 -17.95 3.93 23.58
N ALA C 335 -18.68 4.99 23.21
CA ALA C 335 -18.03 6.22 22.82
C ALA C 335 -18.98 7.41 22.98
N VAL C 336 -18.41 8.56 23.31
CA VAL C 336 -19.11 9.84 23.33
C VAL C 336 -18.26 10.82 22.51
N ARG C 337 -18.88 11.51 21.55
CA ARG C 337 -18.10 12.45 20.74
C ARG C 337 -18.96 13.63 20.31
N GLY C 338 -18.28 14.71 19.95
CA GLY C 338 -18.94 15.89 19.42
C GLY C 338 -18.22 17.16 19.82
N LYS C 339 -18.77 18.28 19.33
CA LYS C 339 -18.33 19.62 19.68
C LYS C 339 -19.56 20.49 19.85
N GLY C 340 -19.53 21.35 20.86
CA GLY C 340 -20.71 22.16 21.16
C GLY C 340 -21.90 21.26 21.36
N LEU C 341 -23.03 21.58 20.72
CA LEU C 341 -24.23 20.77 20.84
C LEU C 341 -24.47 19.87 19.62
N LEU C 342 -23.42 19.50 18.93
CA LEU C 342 -23.48 18.44 17.92
C LEU C 342 -22.76 17.25 18.52
N ASN C 343 -23.52 16.29 19.04
CA ASN C 343 -22.91 15.16 19.75
C ASN C 343 -23.57 13.85 19.34
N ALA C 344 -22.88 12.76 19.65
CA ALA C 344 -23.40 11.42 19.44
C ALA C 344 -22.79 10.47 20.45
N ILE C 345 -23.51 9.37 20.71
CA ILE C 345 -22.95 8.25 21.45
C ILE C 345 -22.95 7.02 20.56
N VAL C 346 -21.99 6.13 20.83
CA VAL C 346 -21.92 4.81 20.22
C VAL C 346 -22.29 3.80 21.29
N ILE C 347 -23.21 2.89 20.98
CA ILE C 347 -23.63 1.86 21.90
C ILE C 347 -23.02 0.53 21.44
N LYS C 348 -22.91 -0.42 22.37
CA LYS C 348 -22.47 -1.77 22.01
C LYS C 348 -23.69 -2.52 21.47
N GLU C 349 -23.95 -2.30 20.18
CA GLU C 349 -25.02 -2.98 19.49
C GLU C 349 -24.83 -4.49 19.57
N THR C 350 -25.87 -5.20 20.00
CA THR C 350 -25.87 -6.65 20.06
C THR C 350 -26.76 -7.22 18.96
N LYS C 351 -26.92 -8.54 18.99
CA LYS C 351 -27.83 -9.20 18.05
C LYS C 351 -29.27 -8.73 18.24
N ASP C 352 -29.64 -8.36 19.47
CA ASP C 352 -31.03 -8.03 19.81
C ASP C 352 -31.21 -6.62 20.37
N TRP C 353 -30.21 -5.76 20.29
CA TRP C 353 -30.27 -4.42 20.87
C TRP C 353 -29.55 -3.44 19.96
N ASP C 354 -30.26 -2.40 19.52
CA ASP C 354 -29.71 -1.48 18.54
C ASP C 354 -30.16 -0.05 18.85
N ALA C 355 -29.65 0.89 18.04
CA ALA C 355 -29.94 2.29 18.29
C ALA C 355 -31.40 2.62 18.00
N TRP C 356 -32.02 1.91 17.06
CA TRP C 356 -33.43 2.15 16.77
C TRP C 356 -34.29 1.85 17.99
N LYS C 357 -34.04 0.71 18.63
CA LYS C 357 -34.79 0.35 19.83
C LYS C 357 -34.57 1.35 20.96
N VAL C 358 -33.35 1.86 21.10
CA VAL C 358 -33.10 2.89 22.10
C VAL C 358 -33.94 4.13 21.81
N CYS C 359 -33.93 4.59 20.54
CA CYS C 359 -34.68 5.79 20.21
C CYS C 359 -36.18 5.59 20.37
N LEU C 360 -36.69 4.39 20.11
CA LEU C 360 -38.08 4.09 20.41
C LEU C 360 -38.39 4.32 21.88
N ARG C 361 -37.48 3.90 22.76
CA ARG C 361 -37.73 4.06 24.19
C ARG C 361 -37.54 5.51 24.62
N LEU C 362 -36.54 6.20 24.06
CA LEU C 362 -36.39 7.63 24.33
C LEU C 362 -37.67 8.38 23.99
N ARG C 363 -38.26 8.08 22.83
CA ARG C 363 -39.55 8.66 22.47
C ARG C 363 -40.58 8.40 23.55
N ASP C 364 -40.71 7.14 23.98
CA ASP C 364 -41.63 6.80 25.06
C ASP C 364 -41.41 7.67 26.29
N ASN C 365 -40.16 8.02 26.58
CA ASN C 365 -39.81 8.76 27.78
C ASN C 365 -39.77 10.27 27.57
N GLY C 366 -40.22 10.75 26.42
CA GLY C 366 -40.32 12.18 26.18
C GLY C 366 -39.14 12.84 25.50
N LEU C 367 -38.29 12.08 24.81
CA LEU C 367 -37.13 12.66 24.11
C LEU C 367 -37.04 12.09 22.69
N LEU C 368 -36.87 12.98 21.71
CA LEU C 368 -36.82 12.58 20.31
C LEU C 368 -35.39 12.67 19.80
N ALA C 369 -34.84 11.55 19.37
CA ALA C 369 -33.51 11.48 18.78
C ALA C 369 -33.55 10.48 17.62
N LYS C 370 -32.58 10.59 16.73
CA LYS C 370 -32.53 9.72 15.56
C LYS C 370 -31.28 8.86 15.59
N PRO C 371 -31.41 7.56 15.34
CA PRO C 371 -30.22 6.71 15.17
C PRO C 371 -29.66 6.89 13.77
N THR C 372 -28.34 6.94 13.68
CA THR C 372 -27.70 7.19 12.38
C THR C 372 -27.12 5.93 11.75
N HIS C 373 -26.65 4.99 12.57
CA HIS C 373 -26.38 3.63 12.12
C HIS C 373 -27.06 2.70 13.12
N GLY C 374 -26.80 1.40 13.03
CA GLY C 374 -27.34 0.49 14.02
C GLY C 374 -26.83 0.73 15.42
N ASP C 375 -25.76 1.53 15.59
CA ASP C 375 -25.13 1.68 16.89
C ASP C 375 -24.78 3.13 17.25
N ILE C 376 -25.31 4.12 16.52
CA ILE C 376 -25.04 5.52 16.79
C ILE C 376 -26.36 6.25 17.03
N ILE C 377 -26.37 7.11 18.05
CA ILE C 377 -27.52 7.97 18.35
C ILE C 377 -26.99 9.39 18.47
N ARG C 378 -27.56 10.32 17.70
CA ARG C 378 -27.15 11.71 17.78
C ARG C 378 -27.95 12.44 18.85
N PHE C 379 -27.29 13.36 19.55
CA PHE C 379 -27.95 14.24 20.51
C PHE C 379 -27.60 15.67 20.14
N ALA C 380 -28.58 16.40 19.60
CA ALA C 380 -28.37 17.76 19.10
C ALA C 380 -29.61 18.60 19.38
N PRO C 381 -29.78 19.05 20.62
CA PRO C 381 -30.96 19.87 20.97
C PRO C 381 -30.78 21.29 20.46
N PRO C 382 -31.87 22.08 20.40
CA PRO C 382 -31.73 23.47 19.95
C PRO C 382 -30.84 24.29 20.88
N LEU C 383 -30.12 25.24 20.29
CA LEU C 383 -29.10 25.98 21.03
C LEU C 383 -29.67 26.94 22.06
N VAL C 384 -30.99 27.21 22.01
CA VAL C 384 -31.63 28.08 23.00
C VAL C 384 -31.91 27.34 24.31
N ILE C 385 -31.57 26.05 24.38
CA ILE C 385 -31.86 25.27 25.57
C ILE C 385 -31.10 25.84 26.77
N LYS C 386 -31.71 25.72 27.95
CA LYS C 386 -31.12 26.12 29.22
C LYS C 386 -30.50 24.91 29.92
N GLU C 387 -29.62 25.19 30.89
CA GLU C 387 -28.93 24.09 31.57
C GLU C 387 -29.90 23.21 32.36
N ASP C 388 -30.88 23.81 33.04
CA ASP C 388 -31.85 22.98 33.77
C ASP C 388 -32.66 22.12 32.80
N GLU C 389 -33.11 22.72 31.69
CA GLU C 389 -33.76 21.95 30.62
C GLU C 389 -32.83 20.86 30.11
N LEU C 390 -31.56 21.20 29.86
CA LEU C 390 -30.59 20.20 29.44
C LEU C 390 -30.47 19.06 30.46
N ARG C 391 -30.44 19.40 31.75
CA ARG C 391 -30.22 18.34 32.73
C ARG C 391 -31.45 17.44 32.86
N GLU C 392 -32.66 17.96 32.69
N GLU C 392 -32.66 18.01 32.73
CA GLU C 392 -33.81 17.05 32.70
CA GLU C 392 -33.88 17.21 32.62
C GLU C 392 -33.75 16.09 31.53
C GLU C 392 -33.74 16.15 31.55
N SER C 393 -33.37 16.56 30.34
CA SER C 393 -33.24 15.66 29.20
C SER C 393 -32.21 14.58 29.47
N ILE C 394 -31.07 14.95 30.07
CA ILE C 394 -30.04 13.96 30.36
C ILE C 394 -30.60 12.88 31.28
N GLU C 395 -31.44 13.30 32.23
CA GLU C 395 -32.13 12.33 33.10
C GLU C 395 -32.94 11.33 32.29
N ILE C 396 -33.64 11.80 31.25
CA ILE C 396 -34.40 10.88 30.39
C ILE C 396 -33.45 9.93 29.70
N ILE C 397 -32.32 10.44 29.20
CA ILE C 397 -31.35 9.60 28.50
C ILE C 397 -30.79 8.53 29.43
N ASN C 398 -30.38 8.94 30.65
CA ASN C 398 -29.96 7.97 31.68
C ASN C 398 -31.06 6.98 31.96
N LYS C 399 -32.25 7.48 32.30
CA LYS C 399 -33.39 6.61 32.58
C LYS C 399 -33.59 5.59 31.47
N THR C 400 -33.42 6.01 30.21
CA THR C 400 -33.68 5.12 29.08
C THR C 400 -32.55 4.11 28.87
N ILE C 401 -31.30 4.60 28.83
CA ILE C 401 -30.18 3.70 28.58
C ILE C 401 -30.08 2.67 29.70
N LEU C 402 -30.20 3.13 30.94
CA LEU C 402 -30.09 2.25 32.10
C LEU C 402 -31.34 1.39 32.31
N SER C 403 -32.36 1.50 31.46
CA SER C 403 -33.55 0.68 31.58
C SER C 403 -33.47 -0.60 30.77
N PHE C 404 -32.39 -0.80 30.01
CA PHE C 404 -32.27 -1.96 29.13
C PHE C 404 -31.51 -3.08 29.83
N1 PLP D . 21.12 -3.86 -11.00
C2 PLP D . 22.02 -4.42 -11.88
C2A PLP D . 23.23 -3.65 -12.31
C3 PLP D . 21.80 -5.72 -12.33
O3 PLP D . 22.72 -6.25 -13.20
C4 PLP D . 20.67 -6.44 -11.93
C4A PLP D . 20.12 -7.51 -12.82
C5 PLP D . 19.78 -5.84 -11.05
C6 PLP D . 20.01 -4.56 -10.58
C5A PLP D . 18.54 -6.58 -10.60
O4P PLP D . 18.84 -7.77 -9.94
P PLP D . 17.68 -8.89 -9.79
O1P PLP D . 17.52 -9.64 -11.09
O2P PLP D . 16.39 -8.20 -9.40
O3P PLP D . 18.14 -9.81 -8.67
C1 GOL E . 4.35 16.53 -8.17
O1 GOL E . 3.17 17.02 -8.76
C2 GOL E . 4.88 15.33 -8.96
O2 GOL E . 6.24 15.54 -9.29
C3 GOL E . 4.09 15.16 -10.25
O3 GOL E . 4.45 13.92 -10.81
N1 PLP F . 1.06 -9.65 -0.71
C2 PLP F . 0.61 -9.88 0.55
C2A PLP F . -0.84 -10.22 0.79
C3 PLP F . 1.52 -9.84 1.61
O3 PLP F . 1.07 -10.09 2.87
C4 PLP F . 2.86 -9.54 1.34
C4A PLP F . 3.85 -9.25 2.43
C5 PLP F . 3.30 -9.28 0.06
C6 PLP F . 2.38 -9.35 -0.99
C5A PLP F . 4.75 -8.94 -0.20
O4P PLP F . 5.58 -10.05 0.13
P PLP F . 7.20 -9.84 0.32
O1P PLP F . 7.80 -11.22 0.11
O2P PLP F . 7.68 -8.90 -0.76
O3P PLP F . 7.34 -9.27 1.71
C1 GOL G . -12.44 5.91 -1.24
O1 GOL G . -13.29 5.50 -0.19
C2 GOL G . -11.08 5.23 -1.14
O2 GOL G . -11.22 3.97 -0.51
C3 GOL G . -10.18 6.15 -0.33
O3 GOL G . -8.85 5.65 -0.32
C1 MQ4 H . 1.87 -9.33 7.15
C2 MQ4 H . 6.05 -8.05 4.80
C3 MQ4 H . 6.39 -8.40 6.24
C9 MQ4 H . 2.82 -10.92 5.38
C4 MQ4 H . 5.05 -8.50 6.99
C5 MQ4 H . 4.10 -8.86 5.86
C6 MQ4 H . 4.64 -8.58 4.71
N10 MQ4 H . 3.93 -8.78 3.51
C7 MQ4 H . 7.29 -7.34 6.82
C8 MQ4 H . 2.72 -9.48 5.87
F1 MQ4 H . 0.78 -8.67 6.83
F3 MQ4 H . 2.46 -8.66 8.12
F4 MQ4 H . 1.52 -10.54 7.57
O11 MQ4 H . 6.88 -6.16 6.89
O12 MQ4 H . 8.42 -7.71 7.19
O6 MQ4 H . 1.78 -11.58 5.31
N1 PLP I . -24.24 19.52 3.23
C2 PLP I . -24.32 18.89 4.44
C2A PLP I . -23.12 18.83 5.36
C3 PLP I . -25.52 18.30 4.83
O3 PLP I . -25.61 17.66 6.03
C4 PLP I . -26.62 18.36 3.97
C4A PLP I . -27.94 17.78 4.36
C5 PLP I . -26.53 18.99 2.74
C6 PLP I . -25.33 19.58 2.38
C5A PLP I . -27.73 19.05 1.82
O4P PLP I . -28.72 19.91 2.33
P PLP I . -30.23 19.82 1.78
O1P PLP I . -30.91 18.59 2.32
O2P PLP I . -30.15 19.69 0.26
O3P PLP I . -30.92 21.10 2.17
C1 MQ4 J . -27.88 14.89 8.58
C2 MQ4 J . -30.64 15.63 4.52
C3 MQ4 J . -31.57 15.16 5.64
C9 MQ4 J . -28.35 17.26 7.80
C4 MQ4 J . -30.66 14.72 6.80
C5 MQ4 J . -29.39 15.47 6.52
C6 MQ4 J . -29.39 15.95 5.29
N10 MQ4 J . -28.30 16.71 4.79
C7 MQ4 J . -32.46 14.09 5.13
C8 MQ4 J . -28.19 15.81 7.39
F1 MQ4 J . -28.56 13.76 8.58
F3 MQ4 J . -28.11 15.57 9.69
F4 MQ4 J . -26.60 14.58 8.56
O11 MQ4 J . -33.69 14.21 5.30
O12 MQ4 J . -31.96 13.10 4.53
O6 MQ4 J . -27.43 17.81 8.38
#